data_2IH9
#
_entry.id   2IH9
#
_cell.length_a   174.490
_cell.length_b   62.330
_cell.length_c   125.100
_cell.angle_alpha   90.00
_cell.angle_beta   96.25
_cell.angle_gamma   90.00
#
_symmetry.space_group_name_H-M   'C 1 2 1'
#
loop_
_entity.id
_entity.type
_entity.pdbx_description
1 polymer Laccase-1
2 branched beta-D-mannopyranose-(1-4)-2-acetamido-2-deoxy-beta-D-glucopyranose-(1-4)-2-acetamido-2-deoxy-beta-D-glucopyranose
3 branched 2-acetamido-2-deoxy-beta-D-glucopyranose-(1-4)-2-acetamido-2-deoxy-beta-D-glucopyranose
4 non-polymer 2-acetamido-2-deoxy-beta-D-glucopyranose
5 non-polymer 'COPPER (II) ION'
6 non-polymer 'CHLORIDE ION'
7 non-polymer 'SULFATE ION'
8 water water
#
_entity_poly.entity_id   1
_entity_poly.type   'polypeptide(L)'
_entity_poly.pdbx_seq_one_letter_code
;EPTCNTPSNRACWSDGFDINTDYEVSTPDTGVTQSYVFNLTEVDNWMGPDGVVKEKVMLINGNIMGPNIVANWGDTVEVT
VINNLVTNGTSIHWHGIHQKDTNLHDGANGVTECPIPPKGGQRTYRWRARQYGTSWYHSHFSAQYGNGVVGTIQINGPAS
LPYDIDLGVFPITDYYYRAADDLVHFTQNNAPPFSDNVLINGTAVNPNTGEGQYANVTLTPGKRHRLRILNTSTENHFQV
SLVNHTMTVIAADMVPVNAMTVDSLFLAVGQRYDVVIDASRAPDNYWFNVTFGGQAACGGSLNPHPAAIFHYAGAPGGLP
TDEGTPPVDHQCLDTLDVRPVVPRSVPVNSFVKRPDNTLPVALDLTGTPLFVWKVNGSDINVDWGKPIIDYILTGNTSYP
VSDNIVQVDAVDQWTYWLIENDPEGPFSLPHPMHLHGHDFLVLGRSPDVPAASQQRFVFDPAVDLARLNGDNPPRRDTTM
LPAGGWLLLAFRTDNPGAWLFHCHIAWHVSGGLSVDFLERPADLRQRISQEDEDDFNRVCDEWRAYWPTNPYPKIDSGL
;
_entity_poly.pdbx_strand_id   A,B
#
# COMPACT_ATOMS: atom_id res chain seq x y z
N GLU A 1 -44.27 -20.24 2.06
CA GLU A 1 -44.63 -18.92 1.45
C GLU A 1 -45.40 -17.99 2.41
N PRO A 2 -45.32 -16.64 2.23
CA PRO A 2 -46.01 -15.69 3.12
C PRO A 2 -47.53 -15.51 3.00
N THR A 3 -48.10 -14.84 4.01
CA THR A 3 -49.53 -14.50 4.08
C THR A 3 -49.76 -13.06 4.54
N CYS A 4 -48.70 -12.39 5.02
CA CYS A 4 -48.79 -11.02 5.52
C CYS A 4 -47.63 -10.07 5.18
N ASN A 5 -46.82 -10.43 4.18
CA ASN A 5 -45.68 -9.60 3.75
C ASN A 5 -46.15 -8.66 2.63
N THR A 6 -46.40 -7.41 3.03
CA THR A 6 -46.88 -6.34 2.14
C THR A 6 -45.84 -5.20 2.14
N PRO A 7 -45.86 -4.30 1.13
CA PRO A 7 -44.88 -3.20 1.12
C PRO A 7 -44.91 -2.27 2.34
N SER A 8 -46.02 -2.31 3.08
CA SER A 8 -46.19 -1.49 4.28
C SER A 8 -45.77 -2.23 5.58
N ASN A 9 -45.77 -3.56 5.53
CA ASN A 9 -45.42 -4.39 6.67
C ASN A 9 -44.49 -5.54 6.26
N ARG A 10 -43.20 -5.24 6.15
CA ARG A 10 -42.22 -6.27 5.79
C ARG A 10 -41.81 -7.11 6.98
N ALA A 11 -42.12 -6.63 8.17
CA ALA A 11 -41.83 -7.31 9.43
C ALA A 11 -42.57 -8.63 9.63
N CYS A 12 -43.75 -8.72 9.01
CA CYS A 12 -44.62 -9.89 9.08
C CYS A 12 -44.34 -10.86 7.93
N TRP A 13 -44.44 -12.16 8.22
CA TRP A 13 -44.21 -13.18 7.19
C TRP A 13 -45.41 -14.13 7.07
N SER A 14 -45.67 -14.89 8.13
CA SER A 14 -46.79 -15.84 8.19
C SER A 14 -47.14 -16.13 9.66
N ASP A 15 -48.08 -17.05 9.89
CA ASP A 15 -48.53 -17.43 11.25
C ASP A 15 -47.40 -17.96 12.13
N GLY A 16 -47.05 -17.17 13.14
CA GLY A 16 -46.00 -17.52 14.08
C GLY A 16 -44.60 -17.24 13.63
N PHE A 17 -44.46 -16.54 12.51
CA PHE A 17 -43.14 -16.23 11.95
C PHE A 17 -43.04 -14.79 11.51
N ASP A 18 -42.07 -14.07 12.08
CA ASP A 18 -41.81 -12.67 11.76
C ASP A 18 -40.34 -12.26 11.93
N ILE A 19 -40.07 -10.96 11.89
CA ILE A 19 -38.70 -10.43 12.04
C ILE A 19 -38.11 -10.65 13.43
N ASN A 20 -39.01 -10.80 14.40
CA ASN A 20 -38.66 -10.98 15.80
C ASN A 20 -38.43 -12.45 16.19
N THR A 21 -38.80 -13.37 15.31
CA THR A 21 -38.64 -14.81 15.51
C THR A 21 -37.16 -15.20 15.40
N ASP A 22 -36.72 -16.05 16.34
CA ASP A 22 -35.35 -16.55 16.36
C ASP A 22 -35.24 -17.66 15.30
N TYR A 23 -34.73 -17.27 14.14
CA TYR A 23 -34.56 -18.14 12.98
C TYR A 23 -33.56 -19.29 13.17
N GLU A 24 -32.67 -19.16 14.16
CA GLU A 24 -31.66 -20.17 14.46
C GLU A 24 -32.23 -21.41 15.12
N VAL A 25 -33.38 -21.25 15.79
CA VAL A 25 -34.05 -22.34 16.47
C VAL A 25 -35.49 -22.65 16.02
N SER A 26 -36.09 -21.75 15.24
CA SER A 26 -37.46 -21.93 14.75
C SER A 26 -37.51 -21.76 13.22
N THR A 27 -38.05 -22.76 12.54
CA THR A 27 -38.14 -22.78 11.08
C THR A 27 -39.53 -23.22 10.61
N PRO A 28 -40.12 -22.50 9.62
CA PRO A 28 -41.45 -22.90 9.13
C PRO A 28 -41.43 -24.11 8.22
N ASP A 29 -42.44 -24.96 8.37
CA ASP A 29 -42.59 -26.15 7.55
C ASP A 29 -43.49 -25.76 6.37
N THR A 30 -42.90 -25.74 5.17
CA THR A 30 -43.61 -25.38 3.95
C THR A 30 -43.91 -26.62 3.11
N GLY A 31 -43.00 -27.60 3.18
CA GLY A 31 -43.14 -28.84 2.44
C GLY A 31 -42.71 -28.72 0.98
N VAL A 32 -42.28 -27.51 0.61
CA VAL A 32 -41.83 -27.16 -0.74
C VAL A 32 -40.31 -27.35 -0.93
N THR A 33 -39.95 -27.86 -2.09
CA THR A 33 -38.55 -28.07 -2.48
C THR A 33 -38.27 -27.41 -3.83
N GLN A 34 -37.26 -26.53 -3.84
CA GLN A 34 -36.80 -25.85 -5.05
C GLN A 34 -35.54 -26.54 -5.53
N SER A 35 -35.64 -27.18 -6.70
CA SER A 35 -34.55 -27.95 -7.29
C SER A 35 -33.88 -27.33 -8.53
N TYR A 36 -32.56 -27.53 -8.62
CA TYR A 36 -31.71 -27.02 -9.70
C TYR A 36 -30.65 -28.06 -10.12
N VAL A 37 -30.07 -27.87 -11.31
CA VAL A 37 -29.02 -28.73 -11.86
C VAL A 37 -27.89 -27.81 -12.29
N PHE A 38 -26.68 -28.12 -11.81
CA PHE A 38 -25.48 -27.33 -12.14
C PHE A 38 -24.59 -28.17 -13.06
N ASN A 39 -24.52 -27.77 -14.33
CA ASN A 39 -23.68 -28.47 -15.31
C ASN A 39 -22.42 -27.62 -15.46
N LEU A 40 -21.31 -28.13 -14.94
CA LEU A 40 -20.02 -27.44 -15.01
C LEU A 40 -19.26 -27.79 -16.27
N THR A 41 -18.98 -26.82 -17.13
CA THR A 41 -18.21 -27.08 -18.36
C THR A 41 -16.96 -26.21 -18.41
N GLU A 42 -15.95 -26.74 -19.10
CA GLU A 42 -14.67 -26.05 -19.26
C GLU A 42 -14.63 -25.45 -20.66
N VAL A 43 -14.66 -24.13 -20.72
CA VAL A 43 -14.66 -23.38 -21.98
C VAL A 43 -13.33 -22.64 -22.16
N ASP A 44 -12.70 -22.85 -23.31
CA ASP A 44 -11.44 -22.22 -23.66
C ASP A 44 -11.79 -21.09 -24.60
N ASN A 45 -10.94 -20.06 -24.63
CA ASN A 45 -11.09 -18.86 -25.49
C ASN A 45 -12.49 -18.23 -25.46
N TRP A 46 -12.96 -17.99 -24.25
CA TRP A 46 -14.27 -17.42 -23.95
C TRP A 46 -14.23 -15.90 -24.04
N MET A 47 -15.26 -15.33 -24.68
CA MET A 47 -15.40 -13.89 -24.85
C MET A 47 -16.07 -13.29 -23.61
N GLY A 48 -15.31 -12.50 -22.87
CA GLY A 48 -15.81 -11.87 -21.66
C GLY A 48 -16.63 -10.61 -21.87
N PRO A 49 -17.28 -10.08 -20.81
CA PRO A 49 -18.11 -8.87 -20.87
C PRO A 49 -17.45 -7.55 -21.23
N ASP A 50 -16.13 -7.46 -21.06
CA ASP A 50 -15.40 -6.23 -21.40
C ASP A 50 -14.68 -6.27 -22.75
N GLY A 51 -14.94 -7.32 -23.53
CA GLY A 51 -14.33 -7.46 -24.85
C GLY A 51 -13.12 -8.37 -24.89
N VAL A 52 -12.43 -8.53 -23.76
CA VAL A 52 -11.23 -9.36 -23.70
C VAL A 52 -11.56 -10.85 -23.61
N VAL A 53 -10.86 -11.62 -24.45
CA VAL A 53 -10.99 -13.07 -24.52
C VAL A 53 -10.18 -13.74 -23.41
N LYS A 54 -10.88 -14.52 -22.56
CA LYS A 54 -10.29 -15.27 -21.45
C LYS A 54 -9.72 -16.59 -21.98
N GLU A 55 -8.52 -16.94 -21.53
CA GLU A 55 -7.82 -18.18 -21.93
C GLU A 55 -8.63 -19.44 -21.61
N LYS A 56 -9.10 -19.54 -20.36
CA LYS A 56 -9.89 -20.66 -19.87
C LYS A 56 -10.79 -20.20 -18.72
N VAL A 57 -12.02 -20.71 -18.71
CA VAL A 57 -13.01 -20.45 -17.67
C VAL A 57 -13.76 -21.75 -17.37
N MET A 58 -14.38 -21.80 -16.20
CA MET A 58 -15.14 -22.97 -15.75
C MET A 58 -16.51 -22.41 -15.34
N LEU A 59 -17.49 -22.61 -16.21
CA LEU A 59 -18.84 -22.07 -16.02
C LEU A 59 -19.91 -23.07 -15.59
N ILE A 60 -20.98 -22.53 -15.01
CA ILE A 60 -22.12 -23.32 -14.57
C ILE A 60 -23.24 -22.97 -15.55
N ASN A 61 -23.76 -24.00 -16.24
CA ASN A 61 -24.84 -23.88 -17.21
C ASN A 61 -24.59 -22.93 -18.40
N GLY A 62 -23.32 -22.72 -18.71
CA GLY A 62 -22.90 -21.87 -19.83
C GLY A 62 -22.82 -20.36 -19.62
N ASN A 63 -23.18 -19.89 -18.43
CA ASN A 63 -23.14 -18.45 -18.11
C ASN A 63 -21.98 -18.10 -17.18
N ILE A 64 -21.71 -16.80 -17.04
CA ILE A 64 -20.63 -16.26 -16.19
C ILE A 64 -20.87 -16.60 -14.71
N MET A 65 -22.14 -16.73 -14.37
CA MET A 65 -22.54 -17.12 -13.02
C MET A 65 -23.59 -18.21 -13.12
N GLY A 66 -23.73 -18.96 -12.03
CA GLY A 66 -24.70 -20.04 -11.97
C GLY A 66 -26.10 -19.46 -11.79
N PRO A 67 -27.17 -20.28 -11.85
CA PRO A 67 -28.51 -19.71 -11.67
C PRO A 67 -28.70 -19.19 -10.25
N ASN A 68 -29.36 -18.03 -10.13
CA ASN A 68 -29.62 -17.46 -8.81
C ASN A 68 -30.70 -18.26 -8.11
N ILE A 69 -30.30 -18.99 -7.06
CA ILE A 69 -31.22 -19.81 -6.28
C ILE A 69 -32.18 -18.92 -5.50
N VAL A 70 -33.48 -19.22 -5.62
CA VAL A 70 -34.53 -18.47 -4.95
C VAL A 70 -35.50 -19.44 -4.28
N ALA A 71 -35.76 -19.21 -3.00
CA ALA A 71 -36.67 -20.02 -2.21
C ALA A 71 -37.18 -19.17 -1.05
N ASN A 72 -38.14 -19.71 -0.30
CA ASN A 72 -38.71 -19.02 0.84
C ASN A 72 -38.15 -19.62 2.12
N TRP A 73 -38.24 -18.85 3.21
CA TRP A 73 -37.80 -19.26 4.53
C TRP A 73 -38.53 -20.57 4.92
N GLY A 74 -37.76 -21.62 5.14
CA GLY A 74 -38.31 -22.91 5.51
C GLY A 74 -38.39 -23.97 4.42
N ASP A 75 -38.10 -23.57 3.17
CA ASP A 75 -38.10 -24.50 2.04
C ASP A 75 -36.84 -25.37 2.12
N THR A 76 -36.72 -26.28 1.17
CA THR A 76 -35.55 -27.13 1.06
C THR A 76 -35.07 -26.84 -0.35
N VAL A 77 -33.76 -26.60 -0.47
CA VAL A 77 -33.14 -26.36 -1.77
C VAL A 77 -32.35 -27.62 -2.08
N GLU A 78 -32.46 -28.08 -3.32
CA GLU A 78 -31.80 -29.29 -3.76
C GLU A 78 -31.08 -29.03 -5.08
N VAL A 79 -29.78 -29.31 -5.12
CA VAL A 79 -28.99 -29.10 -6.33
C VAL A 79 -28.16 -30.30 -6.76
N THR A 80 -28.35 -30.72 -8.00
CA THR A 80 -27.59 -31.82 -8.56
C THR A 80 -26.44 -31.22 -9.36
N VAL A 81 -25.23 -31.34 -8.81
CA VAL A 81 -24.03 -30.81 -9.44
C VAL A 81 -23.37 -31.88 -10.30
N ILE A 82 -23.32 -31.64 -11.61
CA ILE A 82 -22.70 -32.57 -12.56
C ILE A 82 -21.40 -31.94 -13.05
N ASN A 83 -20.28 -32.61 -12.76
CA ASN A 83 -18.94 -32.14 -13.13
C ASN A 83 -18.46 -32.61 -14.52
N ASN A 84 -18.57 -31.71 -15.50
CA ASN A 84 -18.13 -32.00 -16.87
C ASN A 84 -16.82 -31.28 -17.25
N LEU A 85 -16.02 -30.92 -16.25
CA LEU A 85 -14.71 -30.28 -16.47
C LEU A 85 -13.76 -31.37 -16.98
N VAL A 86 -12.61 -31.00 -17.51
CA VAL A 86 -11.68 -31.97 -18.07
C VAL A 86 -10.84 -32.75 -17.06
N THR A 87 -10.19 -32.03 -16.14
CA THR A 87 -9.31 -32.66 -15.15
C THR A 87 -9.66 -32.40 -13.69
N ASN A 88 -10.26 -31.23 -13.43
CA ASN A 88 -10.62 -30.81 -12.09
C ASN A 88 -11.78 -31.52 -11.44
N GLY A 89 -11.69 -31.66 -10.12
CA GLY A 89 -12.78 -32.21 -9.34
C GLY A 89 -13.53 -30.97 -8.88
N THR A 90 -14.60 -31.13 -8.11
CA THR A 90 -15.36 -29.97 -7.61
C THR A 90 -16.17 -30.28 -6.34
N SER A 91 -16.62 -29.22 -5.65
CA SER A 91 -17.45 -29.32 -4.44
C SER A 91 -18.12 -27.95 -4.30
N ILE A 92 -19.45 -27.89 -4.20
CA ILE A 92 -20.08 -26.58 -4.09
C ILE A 92 -20.42 -26.22 -2.65
N HIS A 93 -19.85 -25.11 -2.20
CA HIS A 93 -20.04 -24.63 -0.84
C HIS A 93 -21.12 -23.57 -0.85
N TRP A 94 -22.07 -23.74 0.07
CA TRP A 94 -23.21 -22.84 0.22
C TRP A 94 -22.90 -21.86 1.34
N HIS A 95 -22.11 -20.84 0.99
CA HIS A 95 -21.64 -19.78 1.89
C HIS A 95 -22.80 -18.99 2.50
N GLY A 96 -22.90 -19.06 3.82
CA GLY A 96 -23.95 -18.37 4.53
C GLY A 96 -24.93 -19.33 5.16
N ILE A 97 -25.14 -20.46 4.50
CA ILE A 97 -26.06 -21.49 4.97
C ILE A 97 -25.35 -22.39 6.00
N HIS A 98 -25.84 -22.28 7.24
CA HIS A 98 -25.31 -22.97 8.41
C HIS A 98 -25.23 -24.49 8.42
N GLN A 99 -26.04 -25.13 7.58
CA GLN A 99 -26.10 -26.59 7.46
C GLN A 99 -26.32 -27.25 8.84
N LYS A 100 -27.35 -26.78 9.54
CA LYS A 100 -27.69 -27.29 10.89
C LYS A 100 -27.99 -28.79 10.85
N ASP A 101 -27.01 -29.55 11.33
CA ASP A 101 -27.02 -31.02 11.35
C ASP A 101 -26.92 -31.69 9.96
N THR A 102 -26.44 -30.93 8.98
CA THR A 102 -26.25 -31.43 7.61
C THR A 102 -24.84 -31.08 7.14
N ASN A 103 -23.86 -31.34 8.02
CA ASN A 103 -22.43 -31.08 7.79
C ASN A 103 -21.92 -31.69 6.48
N LEU A 104 -22.42 -32.89 6.16
CA LEU A 104 -22.02 -33.60 4.94
C LEU A 104 -22.41 -32.95 3.61
N HIS A 105 -23.25 -31.91 3.67
CA HIS A 105 -23.71 -31.16 2.49
C HIS A 105 -23.03 -29.78 2.33
N ASP A 106 -22.04 -29.49 3.18
CA ASP A 106 -21.31 -28.22 3.20
C ASP A 106 -20.45 -27.88 1.96
N GLY A 107 -19.98 -28.91 1.23
CA GLY A 107 -19.17 -28.66 0.04
C GLY A 107 -17.72 -28.33 0.28
N ALA A 108 -17.23 -28.70 1.45
CA ALA A 108 -15.85 -28.46 1.84
C ALA A 108 -15.05 -29.72 1.51
N ASN A 109 -14.43 -29.74 0.33
CA ASN A 109 -13.66 -30.90 -0.06
C ASN A 109 -12.42 -31.13 0.78
N GLY A 110 -12.21 -32.39 1.18
CA GLY A 110 -11.10 -32.76 2.02
C GLY A 110 -11.46 -32.63 3.50
N VAL A 111 -12.67 -32.13 3.77
CA VAL A 111 -13.19 -31.95 5.13
C VAL A 111 -14.51 -32.75 5.24
N THR A 112 -15.56 -32.25 4.59
CA THR A 112 -16.86 -32.91 4.64
C THR A 112 -17.15 -33.88 3.50
N GLU A 113 -16.30 -33.88 2.48
CA GLU A 113 -16.48 -34.74 1.30
C GLU A 113 -15.27 -34.82 0.38
N CYS A 114 -15.31 -35.80 -0.51
CA CYS A 114 -14.27 -35.97 -1.51
C CYS A 114 -14.82 -35.20 -2.70
N PRO A 115 -13.93 -34.67 -3.58
CA PRO A 115 -14.41 -33.92 -4.74
C PRO A 115 -15.14 -34.79 -5.74
N ILE A 116 -16.10 -34.17 -6.40
CA ILE A 116 -16.88 -34.85 -7.42
C ILE A 116 -15.91 -35.06 -8.60
N PRO A 117 -15.78 -36.30 -9.12
CA PRO A 117 -14.85 -36.49 -10.25
C PRO A 117 -15.34 -35.85 -11.55
N PRO A 118 -14.41 -35.47 -12.46
CA PRO A 118 -14.82 -34.87 -13.75
C PRO A 118 -15.31 -35.93 -14.73
N LYS A 119 -15.52 -35.52 -15.98
CA LYS A 119 -16.00 -36.39 -17.07
C LYS A 119 -17.39 -37.02 -16.82
N GLY A 120 -18.22 -36.32 -16.03
CA GLY A 120 -19.56 -36.80 -15.75
C GLY A 120 -19.93 -37.17 -14.32
N GLY A 121 -19.02 -36.92 -13.37
CA GLY A 121 -19.32 -37.23 -11.96
C GLY A 121 -20.43 -36.36 -11.42
N GLN A 122 -21.32 -36.95 -10.62
CA GLN A 122 -22.43 -36.20 -10.06
C GLN A 122 -22.66 -36.46 -8.57
N ARG A 123 -23.38 -35.53 -7.93
CA ARG A 123 -23.73 -35.58 -6.51
C ARG A 123 -24.91 -34.61 -6.32
N THR A 124 -25.85 -35.01 -5.46
CA THR A 124 -27.01 -34.18 -5.18
C THR A 124 -26.96 -33.60 -3.77
N TYR A 125 -26.82 -32.27 -3.69
CA TYR A 125 -26.78 -31.55 -2.42
C TYR A 125 -28.21 -31.23 -2.01
N ARG A 126 -28.50 -31.33 -0.72
CA ARG A 126 -29.84 -31.06 -0.20
C ARG A 126 -29.73 -30.39 1.16
N TRP A 127 -30.37 -29.23 1.32
CA TRP A 127 -30.34 -28.47 2.58
C TRP A 127 -31.60 -27.64 2.86
N ARG A 128 -31.84 -27.39 4.13
CA ARG A 128 -33.00 -26.62 4.60
C ARG A 128 -32.66 -25.14 4.71
N ALA A 129 -33.60 -24.30 4.27
CA ALA A 129 -33.46 -22.84 4.31
C ALA A 129 -33.92 -22.30 5.67
N ARG A 130 -33.09 -22.51 6.69
CA ARG A 130 -33.40 -22.07 8.07
C ARG A 130 -33.04 -20.61 8.33
N GLN A 131 -32.66 -19.90 7.27
CA GLN A 131 -32.26 -18.51 7.37
C GLN A 131 -32.73 -17.75 6.15
N TYR A 132 -33.19 -16.52 6.38
CA TYR A 132 -33.66 -15.66 5.29
C TYR A 132 -32.71 -14.51 5.02
N GLY A 133 -32.45 -14.25 3.74
CA GLY A 133 -31.55 -13.16 3.36
C GLY A 133 -30.77 -13.43 2.10
N THR A 134 -29.62 -12.75 1.97
CA THR A 134 -28.75 -12.85 0.82
C THR A 134 -27.44 -13.61 1.12
N SER A 135 -27.19 -14.65 0.34
CA SER A 135 -25.96 -15.42 0.47
C SER A 135 -25.46 -15.77 -0.93
N TRP A 136 -24.44 -16.62 -1.00
CA TRP A 136 -23.87 -17.04 -2.28
C TRP A 136 -23.27 -18.41 -2.18
N TYR A 137 -22.94 -18.96 -3.33
CA TYR A 137 -22.31 -20.26 -3.41
C TYR A 137 -21.06 -20.19 -4.29
N HIS A 138 -20.16 -21.16 -4.12
CA HIS A 138 -18.91 -21.22 -4.88
C HIS A 138 -18.18 -22.55 -4.69
N SER A 139 -17.22 -22.84 -5.58
CA SER A 139 -16.43 -24.07 -5.46
C SER A 139 -15.41 -23.90 -4.33
N HIS A 140 -14.95 -25.02 -3.79
CA HIS A 140 -13.96 -24.99 -2.73
C HIS A 140 -12.76 -25.84 -3.13
N PHE A 141 -12.72 -26.23 -4.41
CA PHE A 141 -11.64 -27.03 -4.99
C PHE A 141 -10.56 -26.03 -5.33
N SER A 142 -9.68 -25.80 -4.35
CA SER A 142 -8.61 -24.82 -4.41
C SER A 142 -9.22 -23.45 -4.75
N ALA A 143 -8.75 -22.78 -5.79
CA ALA A 143 -9.28 -21.47 -6.16
C ALA A 143 -10.09 -21.54 -7.45
N GLN A 144 -10.79 -22.67 -7.65
CA GLN A 144 -11.60 -22.92 -8.85
C GLN A 144 -12.68 -21.88 -9.09
N TYR A 145 -13.18 -21.30 -7.99
CA TYR A 145 -14.23 -20.28 -8.08
C TYR A 145 -13.80 -18.99 -8.80
N GLY A 146 -12.48 -18.81 -8.95
CA GLY A 146 -11.95 -17.65 -9.65
C GLY A 146 -12.17 -17.71 -11.16
N ASN A 147 -12.47 -18.92 -11.65
CA ASN A 147 -12.72 -19.19 -13.06
C ASN A 147 -14.21 -19.07 -13.44
N GLY A 148 -15.08 -18.87 -12.45
CA GLY A 148 -16.48 -18.72 -12.74
C GLY A 148 -17.49 -19.64 -12.07
N VAL A 149 -17.03 -20.63 -11.27
CA VAL A 149 -17.96 -21.53 -10.56
C VAL A 149 -18.45 -20.78 -9.30
N VAL A 150 -19.32 -19.79 -9.54
CA VAL A 150 -19.90 -18.90 -8.50
C VAL A 150 -21.34 -18.58 -8.89
N GLY A 151 -22.12 -18.15 -7.90
CA GLY A 151 -23.52 -17.76 -8.10
C GLY A 151 -24.12 -17.25 -6.80
N THR A 152 -25.38 -16.80 -6.86
CA THR A 152 -26.08 -16.23 -5.70
C THR A 152 -27.23 -17.06 -5.11
N ILE A 153 -27.61 -16.71 -3.87
CA ILE A 153 -28.71 -17.36 -3.13
C ILE A 153 -29.57 -16.26 -2.49
N GLN A 154 -30.88 -16.32 -2.73
CA GLN A 154 -31.85 -15.36 -2.17
C GLN A 154 -32.98 -16.14 -1.50
N ILE A 155 -32.94 -16.22 -0.18
CA ILE A 155 -33.98 -16.90 0.59
C ILE A 155 -34.89 -15.80 1.13
N ASN A 156 -36.10 -15.69 0.56
CA ASN A 156 -37.08 -14.69 0.97
C ASN A 156 -37.60 -14.88 2.39
N GLY A 157 -37.82 -13.76 3.06
CA GLY A 157 -38.30 -13.76 4.43
C GLY A 157 -38.65 -12.33 4.81
N PRO A 158 -38.99 -12.05 6.09
CA PRO A 158 -39.34 -10.70 6.53
C PRO A 158 -38.15 -9.73 6.55
N ALA A 159 -38.42 -8.46 6.83
CA ALA A 159 -37.37 -7.44 6.88
C ALA A 159 -37.57 -6.44 8.03
N SER A 160 -36.51 -5.70 8.35
CA SER A 160 -36.53 -4.72 9.44
C SER A 160 -36.99 -3.31 9.05
N LEU A 161 -37.37 -3.14 7.79
CA LEU A 161 -37.81 -1.85 7.28
C LEU A 161 -38.70 -2.03 6.06
N PRO A 162 -39.76 -1.19 5.91
CA PRO A 162 -40.62 -1.34 4.73
C PRO A 162 -39.96 -0.86 3.43
N TYR A 163 -40.28 -1.53 2.33
CA TYR A 163 -39.77 -1.22 0.98
C TYR A 163 -40.80 -1.64 -0.06
N ASP A 164 -40.72 -1.06 -1.25
CA ASP A 164 -41.68 -1.35 -2.31
C ASP A 164 -41.25 -2.41 -3.32
N ILE A 165 -40.02 -2.30 -3.81
CA ILE A 165 -39.46 -3.21 -4.81
C ILE A 165 -38.19 -3.93 -4.31
N ASP A 166 -38.08 -5.22 -4.63
CA ASP A 166 -36.89 -6.02 -4.29
C ASP A 166 -36.14 -6.13 -5.63
N LEU A 167 -35.11 -5.31 -5.79
CA LEU A 167 -34.29 -5.27 -7.01
C LEU A 167 -33.47 -6.52 -7.25
N GLY A 168 -33.38 -7.36 -6.21
CA GLY A 168 -32.65 -8.60 -6.31
C GLY A 168 -31.17 -8.48 -6.02
N VAL A 169 -30.43 -9.47 -6.51
CA VAL A 169 -28.99 -9.56 -6.31
C VAL A 169 -28.12 -8.59 -7.12
N PHE A 170 -27.04 -8.16 -6.50
CA PHE A 170 -26.08 -7.23 -7.09
C PHE A 170 -24.67 -7.71 -6.73
N PRO A 171 -24.21 -8.83 -7.34
CA PRO A 171 -22.86 -9.33 -7.05
C PRO A 171 -21.73 -8.53 -7.70
N ILE A 172 -20.84 -8.00 -6.87
CA ILE A 172 -19.70 -7.21 -7.35
C ILE A 172 -18.50 -8.12 -7.18
N THR A 173 -17.71 -8.28 -8.24
CA THR A 173 -16.55 -9.16 -8.19
C THR A 173 -15.33 -8.66 -8.93
N ASP A 174 -14.16 -9.15 -8.54
CA ASP A 174 -12.93 -8.80 -9.25
C ASP A 174 -12.84 -9.71 -10.46
N TYR A 175 -12.16 -9.23 -11.50
CA TYR A 175 -12.05 -9.95 -12.74
C TYR A 175 -10.62 -9.94 -13.24
N TYR A 176 -10.05 -11.13 -13.40
CA TYR A 176 -8.69 -11.29 -13.90
C TYR A 176 -8.75 -12.00 -15.24
N TYR A 177 -7.78 -11.71 -16.11
CA TYR A 177 -7.71 -12.32 -17.43
C TYR A 177 -7.00 -13.68 -17.35
N ARG A 178 -6.10 -13.79 -16.37
CA ARG A 178 -5.33 -15.00 -16.12
C ARG A 178 -6.20 -15.96 -15.28
N ALA A 179 -6.06 -17.26 -15.57
CA ALA A 179 -6.80 -18.32 -14.87
C ALA A 179 -6.36 -18.46 -13.41
N ALA A 180 -7.27 -18.95 -12.58
CA ALA A 180 -7.05 -19.13 -11.13
C ALA A 180 -5.87 -19.97 -10.70
N ASP A 181 -5.59 -21.08 -11.41
CA ASP A 181 -4.45 -21.95 -11.10
C ASP A 181 -3.11 -21.27 -11.42
N ASP A 182 -3.13 -20.40 -12.43
CA ASP A 182 -1.95 -19.64 -12.83
C ASP A 182 -1.75 -18.53 -11.78
N LEU A 183 -2.85 -18.02 -11.25
CA LEU A 183 -2.82 -16.98 -10.23
C LEU A 183 -2.40 -17.50 -8.86
N VAL A 184 -2.79 -18.73 -8.52
CA VAL A 184 -2.40 -19.33 -7.25
C VAL A 184 -0.89 -19.56 -7.31
N HIS A 185 -0.41 -19.99 -8.49
CA HIS A 185 1.01 -20.23 -8.72
C HIS A 185 1.84 -18.94 -8.62
N PHE A 186 1.32 -17.84 -9.18
CA PHE A 186 1.99 -16.53 -9.15
C PHE A 186 2.08 -15.99 -7.70
N THR A 187 0.98 -16.12 -6.96
CA THR A 187 0.90 -15.65 -5.58
C THR A 187 1.72 -16.45 -4.55
N GLN A 188 2.21 -17.60 -4.97
CA GLN A 188 3.05 -18.47 -4.14
C GLN A 188 4.48 -17.92 -3.99
N ASN A 189 4.91 -17.12 -4.97
CA ASN A 189 6.25 -16.54 -4.96
C ASN A 189 6.27 -15.02 -5.20
N ASN A 190 5.10 -14.43 -5.45
CA ASN A 190 4.98 -13.00 -5.71
C ASN A 190 3.78 -12.34 -5.02
N ALA A 191 3.81 -11.01 -4.92
CA ALA A 191 2.73 -10.24 -4.32
C ALA A 191 1.51 -10.29 -5.26
N PRO A 192 0.27 -10.39 -4.72
CA PRO A 192 -0.96 -10.44 -5.54
C PRO A 192 -1.16 -9.25 -6.49
N PRO A 193 -1.64 -9.51 -7.74
CA PRO A 193 -1.85 -8.41 -8.69
C PRO A 193 -3.16 -7.67 -8.42
N PHE A 194 -3.28 -6.48 -9.01
CA PHE A 194 -4.51 -5.69 -8.95
C PHE A 194 -5.43 -6.39 -9.95
N SER A 195 -6.75 -6.23 -9.80
CA SER A 195 -7.69 -6.85 -10.74
C SER A 195 -7.67 -6.16 -12.09
N ASP A 196 -7.94 -6.89 -13.18
CA ASP A 196 -7.95 -6.27 -14.51
C ASP A 196 -9.19 -5.39 -14.69
N ASN A 197 -10.27 -5.79 -14.01
CA ASN A 197 -11.53 -5.05 -14.01
C ASN A 197 -12.33 -5.53 -12.80
N VAL A 198 -13.47 -4.89 -12.58
CA VAL A 198 -14.38 -5.21 -11.50
C VAL A 198 -15.77 -5.26 -12.12
N LEU A 199 -16.34 -6.46 -12.15
CA LEU A 199 -17.68 -6.66 -12.70
C LEU A 199 -18.74 -6.35 -11.66
N ILE A 200 -19.80 -5.67 -12.12
CA ILE A 200 -20.92 -5.30 -11.29
C ILE A 200 -22.15 -5.92 -11.96
N ASN A 201 -22.70 -6.95 -11.32
CA ASN A 201 -23.87 -7.71 -11.82
C ASN A 201 -23.60 -8.24 -13.23
N GLY A 202 -22.46 -8.90 -13.36
CA GLY A 202 -22.04 -9.50 -14.62
C GLY A 202 -21.38 -8.68 -15.71
N THR A 203 -21.26 -7.37 -15.55
CA THR A 203 -20.67 -6.52 -16.58
C THR A 203 -19.85 -5.31 -16.13
N ALA A 204 -19.02 -4.80 -17.03
CA ALA A 204 -18.15 -3.65 -16.80
C ALA A 204 -17.61 -3.15 -18.12
N VAL A 205 -17.10 -1.91 -18.11
CA VAL A 205 -16.52 -1.30 -19.29
C VAL A 205 -15.00 -1.43 -19.18
N ASN A 206 -14.37 -1.69 -20.32
CA ASN A 206 -12.93 -1.82 -20.44
C ASN A 206 -12.38 -0.38 -20.42
N PRO A 207 -11.51 -0.04 -19.45
CA PRO A 207 -10.95 1.31 -19.33
C PRO A 207 -9.97 1.71 -20.45
N ASN A 208 -9.62 0.74 -21.29
CA ASN A 208 -8.70 0.94 -22.41
C ASN A 208 -9.40 1.01 -23.77
N THR A 209 -10.22 0.01 -24.08
CA THR A 209 -10.94 -0.08 -25.36
C THR A 209 -12.33 0.57 -25.39
N GLY A 210 -12.90 0.81 -24.21
CA GLY A 210 -14.24 1.40 -24.13
C GLY A 210 -15.37 0.42 -24.36
N GLU A 211 -15.01 -0.84 -24.66
CA GLU A 211 -15.97 -1.92 -24.92
C GLU A 211 -16.62 -2.39 -23.63
N GLY A 212 -17.74 -3.10 -23.78
CA GLY A 212 -18.49 -3.58 -22.64
C GLY A 212 -19.73 -2.73 -22.40
N GLN A 213 -20.30 -2.86 -21.21
CA GLN A 213 -21.51 -2.14 -20.81
C GLN A 213 -21.49 -1.91 -19.30
N TYR A 214 -22.00 -0.76 -18.85
CA TYR A 214 -22.08 -0.49 -17.41
C TYR A 214 -23.37 -1.19 -16.94
N ALA A 215 -23.37 -1.68 -15.69
CA ALA A 215 -24.54 -2.29 -15.11
C ALA A 215 -25.59 -1.16 -14.99
N ASN A 216 -26.80 -1.43 -15.44
CA ASN A 216 -27.85 -0.42 -15.46
C ASN A 216 -29.05 -0.81 -14.61
N VAL A 217 -29.23 -0.08 -13.50
CA VAL A 217 -30.34 -0.31 -12.58
C VAL A 217 -31.38 0.79 -12.75
N THR A 218 -32.62 0.40 -13.01
CA THR A 218 -33.72 1.36 -13.18
C THR A 218 -34.50 1.51 -11.87
N LEU A 219 -34.42 2.71 -11.29
CA LEU A 219 -35.14 3.05 -10.06
C LEU A 219 -36.47 3.72 -10.43
N THR A 220 -37.51 3.42 -9.67
CA THR A 220 -38.84 3.99 -9.86
C THR A 220 -38.89 5.23 -8.97
N PRO A 221 -39.19 6.43 -9.54
CA PRO A 221 -39.27 7.67 -8.77
C PRO A 221 -40.20 7.64 -7.55
N GLY A 222 -39.66 8.08 -6.41
CA GLY A 222 -40.42 8.13 -5.16
C GLY A 222 -40.67 6.81 -4.45
N LYS A 223 -39.99 5.74 -4.88
CA LYS A 223 -40.17 4.43 -4.24
C LYS A 223 -38.93 3.96 -3.50
N ARG A 224 -39.15 3.10 -2.51
CA ARG A 224 -38.08 2.51 -1.69
C ARG A 224 -37.69 1.18 -2.33
N HIS A 225 -36.40 1.02 -2.61
CA HIS A 225 -35.89 -0.19 -3.28
C HIS A 225 -34.90 -1.00 -2.46
N ARG A 226 -35.11 -2.31 -2.38
CA ARG A 226 -34.16 -3.15 -1.65
C ARG A 226 -33.10 -3.67 -2.63
N LEU A 227 -31.83 -3.42 -2.29
CA LEU A 227 -30.70 -3.86 -3.09
C LEU A 227 -29.84 -4.78 -2.23
N ARG A 228 -29.55 -5.95 -2.79
CA ARG A 228 -28.76 -6.98 -2.13
C ARG A 228 -27.35 -7.01 -2.72
N ILE A 229 -26.44 -6.25 -2.11
CA ILE A 229 -25.05 -6.13 -2.58
C ILE A 229 -24.15 -7.26 -2.07
N LEU A 230 -23.43 -7.91 -2.98
CA LEU A 230 -22.52 -9.00 -2.62
C LEU A 230 -21.10 -8.77 -3.11
N ASN A 231 -20.13 -9.34 -2.40
CA ASN A 231 -18.74 -9.27 -2.82
C ASN A 231 -18.33 -10.73 -3.05
N THR A 232 -18.34 -11.12 -4.32
CA THR A 232 -18.02 -12.47 -4.72
C THR A 232 -16.58 -12.67 -5.21
N SER A 233 -15.71 -11.73 -4.85
CA SER A 233 -14.30 -11.72 -5.24
C SER A 233 -13.40 -12.82 -4.68
N THR A 234 -12.20 -12.93 -5.27
CA THR A 234 -11.17 -13.87 -4.80
C THR A 234 -10.13 -13.14 -3.94
N GLU A 235 -10.10 -11.80 -4.03
CA GLU A 235 -9.15 -10.97 -3.26
C GLU A 235 -9.65 -9.55 -2.96
N ASN A 236 -10.20 -8.89 -3.98
CA ASN A 236 -10.68 -7.51 -3.85
C ASN A 236 -11.73 -7.24 -2.78
N HIS A 237 -11.43 -6.25 -1.94
CA HIS A 237 -12.34 -5.80 -0.88
C HIS A 237 -12.86 -4.45 -1.39
N PHE A 238 -14.18 -4.32 -1.41
CA PHE A 238 -14.82 -3.12 -1.95
C PHE A 238 -15.38 -2.10 -1.01
N GLN A 239 -15.52 -0.89 -1.54
CA GLN A 239 -16.13 0.26 -0.87
C GLN A 239 -17.17 0.70 -1.90
N VAL A 240 -18.42 0.89 -1.49
CA VAL A 240 -19.47 1.31 -2.42
C VAL A 240 -20.26 2.54 -2.00
N SER A 241 -20.69 3.32 -2.98
CA SER A 241 -21.47 4.55 -2.76
C SER A 241 -22.26 4.94 -3.99
N LEU A 242 -23.32 5.69 -3.76
CA LEU A 242 -24.19 6.18 -4.82
C LEU A 242 -24.30 7.71 -4.65
N VAL A 243 -23.87 8.42 -5.70
CA VAL A 243 -23.87 9.89 -5.75
C VAL A 243 -25.26 10.46 -5.42
N ASN A 244 -25.27 11.40 -4.48
CA ASN A 244 -26.47 12.10 -3.98
C ASN A 244 -27.48 11.25 -3.20
N HIS A 245 -27.14 9.99 -2.95
CA HIS A 245 -28.00 9.07 -2.20
C HIS A 245 -27.31 8.40 -1.02
N THR A 246 -28.12 8.03 -0.04
CA THR A 246 -27.67 7.30 1.14
C THR A 246 -28.18 5.87 0.98
N MET A 247 -27.64 4.96 1.78
CA MET A 247 -28.05 3.55 1.77
C MET A 247 -28.43 3.19 3.20
N THR A 248 -29.59 2.56 3.37
CA THR A 248 -30.03 2.16 4.71
C THR A 248 -29.93 0.64 4.83
N VAL A 249 -28.94 0.20 5.62
CA VAL A 249 -28.66 -1.22 5.85
C VAL A 249 -29.77 -1.92 6.65
N ILE A 250 -30.29 -3.02 6.11
CA ILE A 250 -31.32 -3.81 6.79
C ILE A 250 -30.88 -5.25 7.09
N ALA A 251 -29.66 -5.60 6.66
CA ALA A 251 -29.04 -6.93 6.87
C ALA A 251 -27.55 -6.93 6.58
N ALA A 252 -26.80 -7.67 7.39
CA ALA A 252 -25.35 -7.80 7.24
C ALA A 252 -25.16 -9.30 7.09
N ASP A 253 -24.69 -9.74 5.91
CA ASP A 253 -24.54 -11.15 5.55
C ASP A 253 -25.96 -11.75 5.56
N MET A 254 -26.19 -12.84 6.29
CA MET A 254 -27.55 -13.40 6.32
C MET A 254 -28.28 -13.15 7.65
N VAL A 255 -27.86 -12.07 8.32
CA VAL A 255 -28.44 -11.68 9.61
C VAL A 255 -29.15 -10.31 9.50
N PRO A 256 -30.47 -10.27 9.78
CA PRO A 256 -31.28 -9.05 9.73
C PRO A 256 -30.84 -8.06 10.81
N VAL A 257 -30.68 -6.79 10.42
CA VAL A 257 -30.22 -5.74 11.32
C VAL A 257 -31.18 -4.55 11.31
N ASN A 258 -31.18 -3.80 12.41
CA ASN A 258 -31.99 -2.58 12.55
C ASN A 258 -31.44 -1.57 11.54
N ALA A 259 -32.31 -0.71 11.02
CA ALA A 259 -31.96 0.32 10.03
C ALA A 259 -30.77 1.18 10.44
N MET A 260 -29.81 1.31 9.52
CA MET A 260 -28.59 2.10 9.75
C MET A 260 -28.21 2.81 8.46
N THR A 261 -28.51 4.11 8.42
CA THR A 261 -28.25 4.98 7.25
C THR A 261 -26.77 5.39 7.13
N VAL A 262 -26.20 5.12 5.96
CA VAL A 262 -24.77 5.41 5.65
C VAL A 262 -24.55 6.07 4.27
N ASP A 263 -23.40 6.71 4.11
CA ASP A 263 -23.00 7.37 2.83
C ASP A 263 -22.24 6.40 1.94
N SER A 264 -21.50 5.49 2.58
CA SER A 264 -20.71 4.46 1.89
C SER A 264 -20.63 3.20 2.75
N LEU A 265 -20.32 2.08 2.12
CA LEU A 265 -20.21 0.79 2.80
C LEU A 265 -19.01 -0.01 2.38
N PHE A 266 -18.35 -0.64 3.35
CA PHE A 266 -17.21 -1.52 3.08
C PHE A 266 -17.70 -2.98 3.04
N LEU A 267 -17.29 -3.68 1.99
CA LEU A 267 -17.62 -5.08 1.80
C LEU A 267 -16.37 -5.95 1.60
N ALA A 268 -16.05 -6.77 2.60
CA ALA A 268 -14.90 -7.68 2.53
C ALA A 268 -15.26 -8.82 1.59
N VAL A 269 -14.27 -9.67 1.26
CA VAL A 269 -14.53 -10.82 0.39
C VAL A 269 -15.51 -11.73 1.16
N GLY A 270 -16.61 -12.08 0.48
CA GLY A 270 -17.62 -12.93 1.07
C GLY A 270 -18.74 -12.22 1.83
N GLN A 271 -18.56 -10.92 2.07
CA GLN A 271 -19.56 -10.12 2.79
C GLN A 271 -20.72 -9.69 1.91
N ARG A 272 -21.88 -9.53 2.56
CA ARG A 272 -23.13 -9.10 1.90
C ARG A 272 -23.82 -8.05 2.75
N TYR A 273 -24.59 -7.21 2.07
CA TYR A 273 -25.37 -6.16 2.71
C TYR A 273 -26.66 -5.96 1.91
N ASP A 274 -27.78 -6.02 2.62
CA ASP A 274 -29.11 -5.78 2.05
C ASP A 274 -29.40 -4.35 2.44
N VAL A 275 -29.57 -3.49 1.44
CA VAL A 275 -29.85 -2.07 1.68
C VAL A 275 -31.12 -1.55 1.02
N VAL A 276 -31.64 -0.46 1.56
CA VAL A 276 -32.84 0.20 1.03
C VAL A 276 -32.42 1.55 0.47
N ILE A 277 -32.68 1.76 -0.82
CA ILE A 277 -32.38 3.00 -1.53
C ILE A 277 -33.74 3.70 -1.77
N ASP A 278 -33.86 4.97 -1.36
CA ASP A 278 -35.10 5.73 -1.61
C ASP A 278 -34.83 6.66 -2.76
N ALA A 279 -35.61 6.49 -3.83
CA ALA A 279 -35.51 7.32 -5.03
C ALA A 279 -36.12 8.70 -4.78
N SER A 280 -35.64 9.33 -3.71
CA SER A 280 -36.09 10.63 -3.22
C SER A 280 -35.50 11.86 -3.91
N ARG A 281 -34.45 11.65 -4.69
CA ARG A 281 -33.78 12.74 -5.41
C ARG A 281 -34.38 13.06 -6.77
N ALA A 282 -33.79 14.04 -7.45
CA ALA A 282 -34.23 14.50 -8.78
C ALA A 282 -33.96 13.49 -9.89
N PRO A 283 -34.93 13.30 -10.83
CA PRO A 283 -34.77 12.36 -11.95
C PRO A 283 -33.58 12.64 -12.87
N ASP A 284 -32.61 11.72 -12.84
CA ASP A 284 -31.37 11.79 -13.61
C ASP A 284 -30.66 10.43 -13.45
N ASN A 285 -29.54 10.27 -14.15
CA ASN A 285 -28.73 9.06 -14.08
C ASN A 285 -27.65 9.31 -13.02
N TYR A 286 -27.48 8.39 -12.07
CA TYR A 286 -26.49 8.55 -11.00
C TYR A 286 -25.47 7.41 -10.98
N TRP A 287 -24.21 7.72 -10.69
CA TRP A 287 -23.14 6.71 -10.63
C TRP A 287 -23.09 5.95 -9.31
N PHE A 288 -22.90 4.64 -9.39
CA PHE A 288 -22.73 3.77 -8.23
C PHE A 288 -21.25 3.48 -8.33
N ASN A 289 -20.48 4.05 -7.42
CA ASN A 289 -19.04 3.89 -7.45
C ASN A 289 -18.43 2.82 -6.58
N VAL A 290 -17.48 2.11 -7.18
CA VAL A 290 -16.71 1.09 -6.48
C VAL A 290 -15.32 1.72 -6.33
N THR A 291 -14.91 1.91 -5.08
CA THR A 291 -13.59 2.49 -4.78
C THR A 291 -12.80 1.61 -3.81
N PHE A 292 -11.54 1.98 -3.59
CA PHE A 292 -10.67 1.25 -2.68
C PHE A 292 -10.10 2.14 -1.58
N GLY A 293 -10.04 1.57 -0.38
CA GLY A 293 -9.51 2.25 0.78
C GLY A 293 -8.36 1.41 1.29
N GLY A 294 -7.87 1.74 2.48
CA GLY A 294 -6.76 1.00 3.08
C GLY A 294 -5.42 1.09 2.38
N GLN A 295 -5.32 2.04 1.46
CA GLN A 295 -4.11 2.29 0.66
C GLN A 295 -3.61 1.01 -0.05
N ALA A 296 -4.56 0.30 -0.68
CA ALA A 296 -4.35 -0.94 -1.43
C ALA A 296 -3.91 -2.17 -0.61
N ALA A 297 -4.13 -2.10 0.70
CA ALA A 297 -3.78 -3.20 1.61
C ALA A 297 -4.73 -4.38 1.40
N CYS A 298 -5.95 -4.09 0.98
CA CYS A 298 -6.91 -5.14 0.72
C CYS A 298 -7.45 -5.18 -0.71
N GLY A 299 -6.57 -4.88 -1.67
CA GLY A 299 -6.95 -4.92 -3.07
C GLY A 299 -6.77 -3.70 -3.93
N GLY A 300 -7.10 -3.84 -5.22
CA GLY A 300 -7.01 -2.76 -6.17
C GLY A 300 -7.43 -3.20 -7.58
N SER A 301 -7.67 -2.24 -8.46
CA SER A 301 -8.07 -2.55 -9.84
C SER A 301 -7.33 -1.72 -10.88
N LEU A 302 -7.11 -2.29 -12.07
CA LEU A 302 -6.44 -1.60 -13.16
C LEU A 302 -7.44 -0.64 -13.84
N ASN A 303 -8.73 -0.86 -13.55
CA ASN A 303 -9.83 0.01 -13.99
C ASN A 303 -9.83 1.04 -12.83
N PRO A 304 -9.39 2.30 -13.09
CA PRO A 304 -9.37 3.32 -12.04
C PRO A 304 -10.71 3.76 -11.46
N HIS A 305 -11.78 3.62 -12.25
CA HIS A 305 -13.12 4.02 -11.81
C HIS A 305 -14.23 3.02 -12.16
N PRO A 306 -14.29 1.85 -11.48
CA PRO A 306 -15.33 0.85 -11.74
C PRO A 306 -16.67 1.40 -11.22
N ALA A 307 -17.69 1.42 -12.08
CA ALA A 307 -18.99 1.97 -11.70
C ALA A 307 -20.19 1.41 -12.44
N ALA A 308 -21.38 1.71 -11.90
CA ALA A 308 -22.66 1.29 -12.46
C ALA A 308 -23.55 2.51 -12.57
N ILE A 309 -24.61 2.41 -13.37
CA ILE A 309 -25.57 3.50 -13.57
C ILE A 309 -26.89 3.19 -12.88
N PHE A 310 -27.41 4.17 -12.14
CA PHE A 310 -28.69 4.07 -11.47
C PHE A 310 -29.58 5.12 -12.12
N HIS A 311 -30.39 4.64 -13.06
CA HIS A 311 -31.31 5.42 -13.87
C HIS A 311 -32.70 5.56 -13.25
N TYR A 312 -33.21 6.80 -13.22
CA TYR A 312 -34.55 7.04 -12.71
C TYR A 312 -35.50 6.87 -13.90
N ALA A 313 -36.59 6.15 -13.69
CA ALA A 313 -37.57 5.89 -14.76
C ALA A 313 -38.27 7.17 -15.21
N GLY A 314 -38.27 7.40 -16.52
CA GLY A 314 -38.88 8.59 -17.09
C GLY A 314 -37.82 9.58 -17.52
N ALA A 315 -36.71 9.62 -16.77
CA ALA A 315 -35.58 10.51 -17.04
C ALA A 315 -34.85 10.11 -18.34
N PRO A 316 -34.02 11.02 -18.92
CA PRO A 316 -33.33 10.66 -20.16
C PRO A 316 -32.17 9.65 -20.00
N GLY A 317 -31.76 9.06 -21.12
CA GLY A 317 -30.68 8.09 -21.11
C GLY A 317 -29.28 8.69 -21.06
N GLY A 318 -28.30 7.88 -21.46
CA GLY A 318 -26.92 8.31 -21.46
C GLY A 318 -26.20 8.04 -20.14
N LEU A 319 -25.02 8.63 -20.02
CA LEU A 319 -24.17 8.47 -18.85
C LEU A 319 -24.36 9.62 -17.85
N PRO A 320 -24.20 9.35 -16.52
CA PRO A 320 -24.33 10.36 -15.46
C PRO A 320 -23.34 11.51 -15.64
N THR A 321 -23.73 12.72 -15.22
CA THR A 321 -22.89 13.90 -15.38
C THR A 321 -22.03 14.23 -14.16
N ASP A 322 -22.51 13.87 -12.98
CA ASP A 322 -21.81 14.15 -11.73
C ASP A 322 -20.89 13.01 -11.29
N GLU A 323 -19.60 13.34 -11.12
CA GLU A 323 -18.58 12.38 -10.69
C GLU A 323 -18.61 12.19 -9.16
N GLY A 324 -19.15 13.17 -8.45
CA GLY A 324 -19.25 13.11 -7.01
C GLY A 324 -17.93 13.32 -6.24
N THR A 325 -18.05 13.31 -4.92
CA THR A 325 -16.92 13.47 -4.01
C THR A 325 -16.47 12.07 -3.58
N PRO A 326 -15.15 11.84 -3.40
CA PRO A 326 -14.67 10.52 -2.98
C PRO A 326 -15.23 10.12 -1.60
N PRO A 327 -15.54 8.83 -1.37
CA PRO A 327 -16.07 8.39 -0.08
C PRO A 327 -14.98 8.36 0.98
N VAL A 328 -15.37 8.23 2.25
CA VAL A 328 -14.40 8.16 3.34
C VAL A 328 -13.60 6.85 3.24
N ASP A 329 -12.34 6.91 3.63
CA ASP A 329 -11.47 5.73 3.61
C ASP A 329 -11.87 4.85 4.79
N HIS A 330 -12.35 3.63 4.47
CA HIS A 330 -12.79 2.67 5.49
C HIS A 330 -11.65 1.86 6.11
N GLN A 331 -10.44 2.06 5.57
CA GLN A 331 -9.20 1.41 6.02
C GLN A 331 -9.19 -0.12 6.14
N CYS A 332 -9.79 -0.78 5.15
CA CYS A 332 -9.92 -2.24 5.07
C CYS A 332 -10.63 -2.85 6.27
N LEU A 333 -11.65 -2.15 6.77
CA LEU A 333 -12.40 -2.59 7.94
C LEU A 333 -13.90 -2.45 7.77
N ASP A 334 -14.62 -3.50 8.14
CA ASP A 334 -16.09 -3.48 8.09
C ASP A 334 -16.59 -2.79 9.36
N THR A 335 -17.81 -2.25 9.30
CA THR A 335 -18.38 -1.55 10.43
C THR A 335 -18.89 -2.47 11.53
N LEU A 336 -18.60 -2.09 12.77
CA LEU A 336 -19.04 -2.84 13.94
C LEU A 336 -20.23 -2.15 14.60
N ASP A 337 -20.87 -1.24 13.87
CA ASP A 337 -22.03 -0.49 14.36
C ASP A 337 -23.37 -1.17 14.14
N VAL A 338 -23.39 -2.23 13.33
CA VAL A 338 -24.60 -2.98 13.03
C VAL A 338 -25.08 -3.83 14.23
N ARG A 339 -26.33 -3.63 14.63
CA ARG A 339 -26.93 -4.33 15.77
C ARG A 339 -28.12 -5.21 15.32
N PRO A 340 -27.98 -6.54 15.37
CA PRO A 340 -29.02 -7.51 14.97
C PRO A 340 -30.41 -7.32 15.61
N VAL A 341 -31.46 -7.59 14.82
CA VAL A 341 -32.86 -7.49 15.27
C VAL A 341 -33.12 -8.54 16.36
N VAL A 342 -32.72 -9.78 16.11
CA VAL A 342 -32.86 -10.86 17.09
C VAL A 342 -31.54 -10.74 17.87
N PRO A 343 -31.61 -10.33 19.17
CA PRO A 343 -30.41 -10.18 19.99
C PRO A 343 -29.75 -11.41 20.62
N ARG A 344 -28.49 -11.24 21.01
CA ARG A 344 -27.68 -12.25 21.71
C ARG A 344 -26.88 -11.50 22.76
N SER A 345 -26.60 -12.14 23.89
CA SER A 345 -25.81 -11.51 24.95
C SER A 345 -24.82 -12.53 25.52
N VAL A 346 -23.55 -12.12 25.62
CA VAL A 346 -22.43 -12.95 26.12
C VAL A 346 -21.49 -12.22 27.11
N PRO A 347 -20.93 -12.95 28.11
CA PRO A 347 -20.01 -12.26 29.04
C PRO A 347 -18.64 -12.05 28.36
N VAL A 348 -18.07 -10.87 28.57
CA VAL A 348 -16.77 -10.51 28.00
C VAL A 348 -15.71 -10.21 29.06
N ASN A 349 -16.16 -10.09 30.32
CA ASN A 349 -15.28 -9.81 31.46
C ASN A 349 -14.45 -11.04 31.87
N SER A 350 -14.99 -12.22 31.59
CA SER A 350 -14.38 -13.50 31.92
C SER A 350 -13.26 -14.04 31.01
N PHE A 351 -13.11 -13.46 29.81
CA PHE A 351 -12.09 -13.88 28.84
C PHE A 351 -10.61 -13.78 29.30
N VAL A 352 -9.92 -14.91 29.22
CA VAL A 352 -8.50 -15.02 29.56
C VAL A 352 -7.82 -15.64 28.34
N LYS A 353 -6.70 -15.05 27.93
CA LYS A 353 -5.92 -15.53 26.79
C LYS A 353 -5.14 -16.79 27.22
N ARG A 354 -5.42 -17.89 26.53
CA ARG A 354 -4.78 -19.20 26.79
C ARG A 354 -4.40 -19.78 25.42
N PRO A 355 -3.44 -20.75 25.37
CA PRO A 355 -3.07 -21.33 24.07
C PRO A 355 -4.21 -22.03 23.33
N ASP A 356 -5.15 -22.60 24.10
CA ASP A 356 -6.31 -23.32 23.53
C ASP A 356 -7.46 -22.46 22.99
N ASN A 357 -7.36 -21.14 23.16
CA ASN A 357 -8.38 -20.23 22.62
C ASN A 357 -7.74 -19.19 21.68
N THR A 358 -6.44 -19.33 21.49
CA THR A 358 -5.66 -18.40 20.66
C THR A 358 -5.19 -19.01 19.36
N LEU A 359 -5.47 -18.30 18.27
CA LEU A 359 -5.08 -18.69 16.91
C LEU A 359 -4.13 -17.67 16.28
N PRO A 360 -2.81 -17.88 16.39
CA PRO A 360 -1.86 -16.92 15.79
C PRO A 360 -1.57 -17.17 14.29
N VAL A 361 -1.90 -16.17 13.46
CA VAL A 361 -1.69 -16.20 12.01
C VAL A 361 -0.30 -15.65 11.73
N ALA A 362 0.44 -16.34 10.86
CA ALA A 362 1.79 -15.90 10.50
C ALA A 362 2.21 -16.24 9.09
N LEU A 363 3.10 -15.40 8.53
CA LEU A 363 3.64 -15.61 7.20
C LEU A 363 5.05 -16.21 7.30
N ASP A 364 5.15 -17.48 6.92
CA ASP A 364 6.43 -18.18 6.95
C ASP A 364 7.08 -18.08 5.57
N LEU A 365 8.24 -17.44 5.53
CA LEU A 365 9.04 -17.23 4.32
C LEU A 365 10.29 -18.12 4.29
N THR A 366 10.41 -19.03 5.24
CA THR A 366 11.59 -19.91 5.34
C THR A 366 11.60 -21.19 4.50
N GLY A 367 10.62 -21.33 3.61
CA GLY A 367 10.55 -22.51 2.78
C GLY A 367 10.30 -22.26 1.31
N THR A 368 9.81 -23.30 0.65
CA THR A 368 9.48 -23.29 -0.77
C THR A 368 8.03 -23.78 -0.87
N PRO A 369 7.09 -22.95 -1.38
CA PRO A 369 7.19 -21.58 -1.91
C PRO A 369 7.42 -20.47 -0.86
N LEU A 370 7.58 -19.23 -1.31
CA LEU A 370 7.83 -18.10 -0.40
C LEU A 370 6.63 -17.71 0.45
N PHE A 371 5.46 -17.60 -0.17
CA PHE A 371 4.24 -17.22 0.53
C PHE A 371 3.44 -18.40 1.07
N VAL A 372 3.75 -18.75 2.31
CA VAL A 372 3.12 -19.85 3.03
C VAL A 372 2.50 -19.26 4.29
N TRP A 373 1.18 -19.36 4.40
CA TRP A 373 0.42 -18.84 5.54
C TRP A 373 0.11 -19.94 6.56
N LYS A 374 0.54 -19.71 7.80
CA LYS A 374 0.34 -20.69 8.88
C LYS A 374 -0.55 -20.19 9.99
N VAL A 375 -1.31 -21.11 10.59
CA VAL A 375 -2.16 -20.80 11.73
C VAL A 375 -1.74 -21.78 12.81
N ASN A 376 -1.18 -21.22 13.88
CA ASN A 376 -0.68 -21.95 15.06
C ASN A 376 0.53 -22.83 14.76
N GLY A 377 1.29 -22.43 13.74
CA GLY A 377 2.49 -23.17 13.32
C GLY A 377 2.32 -24.18 12.21
N SER A 378 1.15 -24.19 11.58
CA SER A 378 0.86 -25.13 10.50
C SER A 378 -0.06 -24.59 9.39
N ASP A 379 0.40 -24.76 8.15
CA ASP A 379 -0.38 -24.37 6.98
C ASP A 379 -1.32 -25.53 6.67
N ILE A 380 -2.61 -25.26 6.51
CA ILE A 380 -3.57 -26.33 6.21
C ILE A 380 -3.29 -26.97 4.83
N ASN A 381 -3.56 -28.27 4.73
CA ASN A 381 -3.38 -29.03 3.51
C ASN A 381 -4.25 -30.26 3.71
N VAL A 382 -5.42 -30.23 3.10
CA VAL A 382 -6.38 -31.32 3.22
C VAL A 382 -6.14 -32.44 2.23
N ASP A 383 -6.66 -33.62 2.55
CA ASP A 383 -6.53 -34.78 1.67
C ASP A 383 -7.87 -35.00 1.01
N TRP A 384 -7.92 -34.72 -0.30
CA TRP A 384 -9.12 -34.87 -1.12
C TRP A 384 -9.62 -36.33 -1.12
N GLY A 385 -8.69 -37.28 -0.99
CA GLY A 385 -9.00 -38.70 -0.97
C GLY A 385 -9.32 -39.31 0.38
N LYS A 386 -9.12 -38.56 1.47
CA LYS A 386 -9.42 -39.03 2.83
C LYS A 386 -9.86 -37.85 3.72
N PRO A 387 -11.11 -37.37 3.54
CA PRO A 387 -11.64 -36.25 4.33
C PRO A 387 -11.89 -36.55 5.81
N ILE A 388 -11.95 -35.48 6.62
CA ILE A 388 -12.17 -35.57 8.08
C ILE A 388 -13.37 -36.46 8.46
N ILE A 389 -14.40 -36.43 7.62
CA ILE A 389 -15.60 -37.25 7.81
C ILE A 389 -15.31 -38.76 7.63
N ASP A 390 -14.24 -39.12 6.92
CA ASP A 390 -13.87 -40.53 6.76
C ASP A 390 -13.32 -41.03 8.09
N TYR A 391 -12.55 -40.17 8.77
CA TYR A 391 -11.97 -40.47 10.07
C TYR A 391 -13.06 -40.68 11.14
N ILE A 392 -14.15 -39.92 11.02
CA ILE A 392 -15.30 -39.96 11.92
C ILE A 392 -16.11 -41.27 11.73
N LEU A 393 -16.29 -41.67 10.46
CA LEU A 393 -17.04 -42.88 10.11
C LEU A 393 -16.29 -44.20 10.34
N THR A 394 -14.98 -44.10 10.54
CA THR A 394 -14.13 -45.29 10.79
C THR A 394 -13.66 -45.36 12.25
N GLY A 395 -13.83 -44.25 12.99
CA GLY A 395 -13.42 -44.19 14.39
C GLY A 395 -11.94 -43.90 14.61
N ASN A 396 -11.32 -43.32 13.58
CA ASN A 396 -9.90 -42.97 13.57
C ASN A 396 -9.73 -41.54 14.11
N THR A 397 -8.94 -41.40 15.18
CA THR A 397 -8.69 -40.08 15.77
C THR A 397 -7.27 -39.57 15.53
N SER A 398 -6.51 -40.30 14.72
CA SER A 398 -5.14 -39.93 14.38
C SER A 398 -5.17 -38.99 13.16
N TYR A 399 -5.61 -37.76 13.40
CA TYR A 399 -5.71 -36.73 12.36
C TYR A 399 -4.32 -36.14 12.12
N PRO A 400 -3.86 -36.09 10.85
CA PRO A 400 -2.53 -35.51 10.60
C PRO A 400 -2.48 -34.02 10.97
N VAL A 401 -1.30 -33.55 11.39
CA VAL A 401 -1.06 -32.16 11.82
C VAL A 401 -1.55 -31.14 10.79
N SER A 402 -1.36 -31.48 9.52
CA SER A 402 -1.72 -30.66 8.36
C SER A 402 -3.20 -30.32 8.19
N ASP A 403 -4.08 -31.06 8.85
CA ASP A 403 -5.52 -30.80 8.77
C ASP A 403 -5.97 -29.68 9.71
N ASN A 404 -5.07 -29.25 10.60
CA ASN A 404 -5.30 -28.17 11.57
C ASN A 404 -6.59 -28.33 12.39
N ILE A 405 -6.75 -29.52 12.98
CA ILE A 405 -7.93 -29.84 13.78
C ILE A 405 -7.94 -29.15 15.15
N VAL A 406 -9.01 -28.38 15.40
CA VAL A 406 -9.22 -27.71 16.68
C VAL A 406 -10.55 -28.32 17.19
N GLN A 407 -10.40 -29.35 18.02
CA GLN A 407 -11.52 -30.08 18.61
C GLN A 407 -12.20 -29.31 19.74
N VAL A 408 -13.48 -29.01 19.53
CA VAL A 408 -14.29 -28.29 20.51
C VAL A 408 -15.36 -29.27 21.00
N ASP A 409 -15.20 -29.73 22.24
CA ASP A 409 -16.10 -30.70 22.87
C ASP A 409 -17.28 -30.10 23.63
N ALA A 410 -17.24 -28.78 23.86
CA ALA A 410 -18.30 -28.06 24.58
C ALA A 410 -19.66 -28.23 23.90
N VAL A 411 -20.67 -28.56 24.70
CA VAL A 411 -22.02 -28.83 24.22
C VAL A 411 -22.94 -27.61 24.37
N ASP A 412 -23.31 -27.01 23.23
CA ASP A 412 -24.19 -25.83 23.15
C ASP A 412 -23.76 -24.66 24.08
N GLN A 413 -22.45 -24.43 24.14
CA GLN A 413 -21.87 -23.36 24.95
C GLN A 413 -21.13 -22.37 24.06
N TRP A 414 -21.05 -21.13 24.54
CA TRP A 414 -20.35 -20.07 23.84
C TRP A 414 -18.83 -20.25 23.99
N THR A 415 -18.15 -20.39 22.87
CA THR A 415 -16.69 -20.58 22.84
C THR A 415 -16.01 -19.30 22.36
N TYR A 416 -14.85 -18.98 22.93
CA TYR A 416 -14.12 -17.74 22.61
C TYR A 416 -12.83 -17.94 21.83
N TRP A 417 -12.63 -17.11 20.80
CA TRP A 417 -11.44 -17.22 19.94
C TRP A 417 -10.72 -15.92 19.67
N LEU A 418 -9.44 -15.88 20.05
CA LEU A 418 -8.61 -14.70 19.79
C LEU A 418 -7.72 -15.00 18.59
N ILE A 419 -7.93 -14.27 17.50
CA ILE A 419 -7.11 -14.46 16.30
C ILE A 419 -6.04 -13.34 16.26
N GLU A 420 -4.77 -13.74 16.18
CA GLU A 420 -3.66 -12.77 16.15
C GLU A 420 -3.04 -12.61 14.75
N ASN A 421 -3.01 -11.39 14.25
CA ASN A 421 -2.47 -11.09 12.91
C ASN A 421 -0.96 -10.78 12.81
N ASP A 422 -0.11 -11.82 12.98
CA ASP A 422 1.36 -11.75 12.86
C ASP A 422 1.97 -10.46 13.44
N PRO A 423 1.70 -10.14 14.74
CA PRO A 423 2.26 -8.89 15.31
C PRO A 423 3.79 -8.78 15.38
N GLU A 424 4.49 -9.92 15.36
CA GLU A 424 5.95 -9.96 15.43
C GLU A 424 6.59 -10.22 14.05
N GLY A 425 5.75 -10.23 13.01
CA GLY A 425 6.22 -10.47 11.66
C GLY A 425 6.72 -9.22 10.96
N PRO A 426 7.52 -9.33 9.87
CA PRO A 426 8.06 -8.20 9.10
C PRO A 426 6.99 -7.21 8.60
N PHE A 427 5.84 -7.75 8.24
CA PHE A 427 4.69 -6.97 7.77
C PHE A 427 3.41 -7.77 7.97
N SER A 428 2.27 -7.07 7.93
CA SER A 428 0.98 -7.73 8.10
C SER A 428 -0.06 -7.13 7.16
N LEU A 429 -0.95 -8.00 6.69
CA LEU A 429 -2.01 -7.62 5.78
C LEU A 429 -3.37 -7.97 6.38
N PRO A 430 -4.44 -7.21 6.03
CA PRO A 430 -5.76 -7.51 6.57
C PRO A 430 -6.34 -8.80 5.95
N HIS A 431 -7.09 -9.56 6.75
CA HIS A 431 -7.68 -10.83 6.30
C HIS A 431 -9.17 -10.96 6.59
N PRO A 432 -9.99 -11.30 5.58
CA PRO A 432 -11.43 -11.46 5.79
C PRO A 432 -11.70 -12.89 6.33
N MET A 433 -11.80 -13.00 7.67
CA MET A 433 -12.02 -14.31 8.29
C MET A 433 -13.48 -14.74 8.25
N HIS A 434 -13.69 -15.92 7.65
CA HIS A 434 -14.98 -16.55 7.45
C HIS A 434 -15.10 -17.86 8.22
N LEU A 435 -16.30 -18.14 8.73
CA LEU A 435 -16.58 -19.37 9.48
C LEU A 435 -17.72 -20.16 8.86
N HIS A 436 -17.47 -21.44 8.60
CA HIS A 436 -18.48 -22.34 8.02
C HIS A 436 -19.39 -22.82 9.17
N GLY A 437 -20.65 -23.10 8.82
CA GLY A 437 -21.61 -23.62 9.77
C GLY A 437 -22.21 -22.83 10.91
N HIS A 438 -21.75 -21.59 11.12
CA HIS A 438 -22.23 -20.71 12.19
C HIS A 438 -22.14 -19.25 11.78
N ASP A 439 -22.76 -18.40 12.61
CA ASP A 439 -22.69 -16.95 12.50
C ASP A 439 -21.95 -16.66 13.80
N PHE A 440 -20.91 -15.83 13.76
CA PHE A 440 -20.17 -15.51 14.99
C PHE A 440 -20.51 -14.12 15.51
N LEU A 441 -20.10 -13.87 16.75
CA LEU A 441 -20.30 -12.56 17.36
C LEU A 441 -18.97 -11.83 17.27
N VAL A 442 -18.97 -10.60 16.78
CA VAL A 442 -17.73 -9.81 16.70
C VAL A 442 -17.63 -9.04 18.01
N LEU A 443 -16.86 -9.61 18.94
CA LEU A 443 -16.69 -9.05 20.27
C LEU A 443 -15.77 -7.85 20.35
N GLY A 444 -14.84 -7.76 19.41
CA GLY A 444 -13.92 -6.63 19.39
C GLY A 444 -12.66 -6.89 18.61
N ARG A 445 -11.96 -5.81 18.30
CA ARG A 445 -10.71 -5.87 17.55
C ARG A 445 -9.77 -4.76 18.01
N SER A 446 -8.53 -4.82 17.54
CA SER A 446 -7.49 -3.84 17.85
C SER A 446 -7.92 -2.47 17.29
N PRO A 447 -7.57 -1.35 17.97
CA PRO A 447 -7.98 -0.01 17.49
C PRO A 447 -7.77 0.29 15.99
N ASP A 448 -8.81 0.85 15.39
CA ASP A 448 -8.85 1.19 13.96
C ASP A 448 -7.80 2.25 13.63
N VAL A 449 -6.79 1.84 12.85
CA VAL A 449 -5.66 2.69 12.44
C VAL A 449 -5.46 2.46 10.92
N PRO A 450 -4.67 3.33 10.22
CA PRO A 450 -4.46 3.08 8.78
C PRO A 450 -3.94 1.69 8.42
N ALA A 451 -4.65 1.01 7.51
CA ALA A 451 -4.33 -0.36 7.07
C ALA A 451 -2.94 -0.63 6.50
N ALA A 452 -2.21 0.43 6.20
CA ALA A 452 -0.85 0.33 5.67
C ALA A 452 0.20 0.92 6.62
N SER A 453 -0.23 1.34 7.81
CA SER A 453 0.66 1.94 8.81
C SER A 453 1.71 1.03 9.43
N GLN A 454 1.36 -0.26 9.57
CA GLN A 454 2.19 -1.30 10.17
C GLN A 454 2.26 -1.15 11.70
N GLN A 455 1.25 -0.49 12.27
CA GLN A 455 1.13 -0.28 13.73
C GLN A 455 0.64 -1.60 14.30
N ARG A 456 1.40 -2.16 15.24
CA ARG A 456 1.10 -3.45 15.84
C ARG A 456 0.49 -3.40 17.22
N PHE A 457 -0.48 -4.29 17.45
CA PHE A 457 -1.18 -4.39 18.74
C PHE A 457 -1.29 -5.85 19.24
N VAL A 458 -0.95 -6.06 20.50
CA VAL A 458 -1.04 -7.38 21.14
C VAL A 458 -2.03 -7.20 22.27
N PHE A 459 -3.04 -8.09 22.32
CA PHE A 459 -4.11 -8.09 23.32
C PHE A 459 -3.58 -7.87 24.75
N ASP A 460 -3.95 -6.72 25.30
CA ASP A 460 -3.56 -6.31 26.66
C ASP A 460 -4.88 -6.29 27.44
N PRO A 461 -5.06 -7.17 28.44
CA PRO A 461 -6.28 -7.24 29.26
C PRO A 461 -6.66 -5.96 30.02
N ALA A 462 -5.64 -5.22 30.47
CA ALA A 462 -5.82 -3.98 31.24
C ALA A 462 -6.55 -2.84 30.52
N VAL A 463 -6.52 -2.84 29.19
CA VAL A 463 -7.18 -1.82 28.38
C VAL A 463 -8.18 -2.37 27.35
N ASP A 464 -7.89 -3.57 26.83
CA ASP A 464 -8.76 -4.18 25.82
C ASP A 464 -10.03 -4.87 26.29
N LEU A 465 -10.07 -5.29 27.56
CA LEU A 465 -11.25 -5.96 28.10
C LEU A 465 -12.46 -5.03 28.21
N ALA A 466 -12.20 -3.72 28.32
CA ALA A 466 -13.23 -2.68 28.40
C ALA A 466 -13.70 -2.23 27.01
N ARG A 467 -12.89 -2.57 26.00
CA ARG A 467 -13.17 -2.22 24.61
C ARG A 467 -14.04 -3.28 23.90
N LEU A 468 -14.35 -4.36 24.61
CA LEU A 468 -15.18 -5.44 24.08
C LEU A 468 -16.67 -5.14 24.26
N ASN A 469 -17.50 -5.73 23.40
CA ASN A 469 -18.95 -5.54 23.43
C ASN A 469 -19.67 -6.90 23.43
N GLY A 470 -20.35 -7.18 24.54
CA GLY A 470 -21.11 -8.41 24.69
C GLY A 470 -22.61 -8.20 24.72
N ASP A 471 -23.02 -6.93 24.62
CA ASP A 471 -24.43 -6.51 24.62
C ASP A 471 -24.84 -6.33 23.15
N ASN A 472 -25.29 -7.45 22.56
CA ASN A 472 -25.72 -7.56 21.15
C ASN A 472 -24.73 -7.03 20.09
N PRO A 473 -23.53 -7.65 19.98
CA PRO A 473 -22.52 -7.21 19.00
C PRO A 473 -22.89 -7.69 17.59
N PRO A 474 -22.15 -7.22 16.54
CA PRO A 474 -22.48 -7.68 15.19
C PRO A 474 -22.38 -9.20 15.01
N ARG A 475 -23.42 -9.78 14.42
CA ARG A 475 -23.50 -11.21 14.17
C ARG A 475 -23.50 -11.44 12.65
N ARG A 476 -22.49 -12.15 12.16
CA ARG A 476 -22.34 -12.42 10.72
C ARG A 476 -21.38 -13.59 10.46
N ASP A 477 -21.20 -13.96 9.18
CA ASP A 477 -20.29 -15.06 8.86
C ASP A 477 -18.90 -14.68 8.37
N THR A 478 -18.67 -13.39 8.13
CA THR A 478 -17.37 -12.88 7.66
C THR A 478 -17.06 -11.50 8.24
N THR A 479 -15.85 -11.34 8.79
CA THR A 479 -15.41 -10.06 9.34
C THR A 479 -13.91 -9.89 9.11
N MET A 480 -13.42 -8.66 9.28
CA MET A 480 -12.02 -8.34 9.08
C MET A 480 -11.07 -8.48 10.26
N LEU A 481 -9.93 -9.11 10.00
CA LEU A 481 -8.86 -9.26 10.97
C LEU A 481 -7.95 -8.07 10.61
N PRO A 482 -7.80 -7.07 11.53
CA PRO A 482 -6.96 -5.91 11.26
C PRO A 482 -5.50 -6.23 11.05
N ALA A 483 -4.84 -5.44 10.18
CA ALA A 483 -3.42 -5.58 9.88
C ALA A 483 -2.61 -5.32 11.16
N GLY A 484 -1.69 -6.24 11.46
CA GLY A 484 -0.83 -6.13 12.64
C GLY A 484 -1.52 -6.19 13.98
N GLY A 485 -2.83 -6.44 13.98
CA GLY A 485 -3.60 -6.46 15.21
C GLY A 485 -4.13 -7.79 15.67
N TRP A 486 -5.39 -7.76 16.12
CA TRP A 486 -6.08 -8.94 16.64
C TRP A 486 -7.60 -8.87 16.48
N LEU A 487 -8.25 -10.02 16.66
CA LEU A 487 -9.71 -10.13 16.55
C LEU A 487 -10.27 -11.14 17.55
N LEU A 488 -11.33 -10.74 18.28
CA LEU A 488 -11.97 -11.63 19.24
C LEU A 488 -13.37 -12.05 18.83
N LEU A 489 -13.53 -13.34 18.58
CA LEU A 489 -14.81 -13.89 18.14
C LEU A 489 -15.37 -14.94 19.10
N ALA A 490 -16.67 -15.17 18.98
CA ALA A 490 -17.39 -16.16 19.77
C ALA A 490 -18.52 -16.81 18.97
N PHE A 491 -18.65 -18.13 19.07
CA PHE A 491 -19.72 -18.86 18.40
C PHE A 491 -20.26 -19.92 19.36
N ARG A 492 -21.55 -20.22 19.26
CA ARG A 492 -22.18 -21.23 20.13
C ARG A 492 -22.08 -22.60 19.49
N THR A 493 -21.65 -23.61 20.25
CA THR A 493 -21.50 -24.96 19.72
C THR A 493 -22.82 -25.74 19.58
N ASP A 494 -23.66 -25.26 18.66
CA ASP A 494 -24.99 -25.82 18.37
C ASP A 494 -25.11 -26.65 17.08
N ASN A 495 -23.97 -26.96 16.45
CA ASN A 495 -23.99 -27.66 15.17
C ASN A 495 -22.81 -28.63 15.02
N PRO A 496 -22.96 -29.90 15.48
CA PRO A 496 -21.89 -30.91 15.39
C PRO A 496 -21.40 -31.11 13.96
N GLY A 497 -20.10 -30.94 13.76
CA GLY A 497 -19.50 -31.11 12.46
C GLY A 497 -18.09 -30.63 12.33
N ALA A 498 -17.54 -30.77 11.12
CA ALA A 498 -16.19 -30.32 10.81
C ALA A 498 -16.35 -29.03 10.01
N TRP A 499 -16.07 -27.90 10.66
CA TRP A 499 -16.24 -26.57 10.06
C TRP A 499 -14.97 -25.79 9.86
N LEU A 500 -14.74 -25.39 8.62
CA LEU A 500 -13.60 -24.58 8.25
C LEU A 500 -13.76 -23.14 8.70
N PHE A 501 -12.65 -22.58 9.17
CA PHE A 501 -12.53 -21.21 9.61
C PHE A 501 -11.28 -20.75 8.87
N HIS A 502 -11.50 -19.88 7.90
CA HIS A 502 -10.42 -19.38 7.04
C HIS A 502 -10.53 -17.96 6.55
N CYS A 503 -9.42 -17.49 5.98
CA CYS A 503 -9.33 -16.19 5.33
C CYS A 503 -9.96 -16.49 3.98
N HIS A 504 -10.84 -15.61 3.50
CA HIS A 504 -11.51 -15.87 2.23
C HIS A 504 -10.75 -15.42 0.99
N ILE A 505 -9.57 -14.81 1.16
CA ILE A 505 -8.75 -14.41 0.01
C ILE A 505 -8.23 -15.74 -0.51
N ALA A 506 -8.67 -16.10 -1.73
CA ALA A 506 -8.31 -17.35 -2.39
C ALA A 506 -6.84 -17.72 -2.33
N TRP A 507 -5.98 -16.72 -2.52
CA TRP A 507 -4.54 -16.92 -2.51
C TRP A 507 -4.01 -17.28 -1.12
N HIS A 508 -4.68 -16.77 -0.08
CA HIS A 508 -4.28 -17.04 1.31
C HIS A 508 -4.71 -18.42 1.80
N VAL A 509 -5.96 -18.80 1.57
CA VAL A 509 -6.47 -20.12 1.96
C VAL A 509 -5.72 -21.23 1.20
N SER A 510 -5.31 -20.90 -0.03
CA SER A 510 -4.52 -21.79 -0.87
C SER A 510 -3.13 -21.98 -0.24
N GLY A 511 -2.60 -20.88 0.31
CA GLY A 511 -1.30 -20.86 0.97
C GLY A 511 -1.33 -21.46 2.37
N GLY A 512 -2.51 -21.91 2.80
CA GLY A 512 -2.65 -22.55 4.09
C GLY A 512 -3.35 -21.87 5.25
N LEU A 513 -3.87 -20.65 5.03
CA LEU A 513 -4.54 -19.91 6.10
C LEU A 513 -5.93 -20.43 6.46
N SER A 514 -5.96 -21.50 7.26
CA SER A 514 -7.20 -22.10 7.74
C SER A 514 -7.02 -23.06 8.88
N VAL A 515 -8.10 -23.22 9.65
CA VAL A 515 -8.18 -24.19 10.74
C VAL A 515 -9.53 -24.91 10.57
N ASP A 516 -9.59 -26.13 11.10
CA ASP A 516 -10.80 -26.92 11.00
C ASP A 516 -11.33 -27.13 12.41
N PHE A 517 -12.50 -26.55 12.68
CA PHE A 517 -13.16 -26.70 13.97
C PHE A 517 -13.93 -28.03 13.96
N LEU A 518 -13.39 -29.03 14.64
CA LEU A 518 -14.07 -30.32 14.74
C LEU A 518 -14.97 -30.19 15.97
N GLU A 519 -16.21 -29.79 15.71
CA GLU A 519 -17.19 -29.55 16.74
C GLU A 519 -17.96 -30.79 17.18
N ARG A 520 -17.81 -31.13 18.46
CA ARG A 520 -18.47 -32.28 19.12
C ARG A 520 -18.46 -33.57 18.29
N PRO A 521 -17.27 -34.13 17.99
CA PRO A 521 -17.12 -35.36 17.19
C PRO A 521 -18.06 -36.55 17.46
N ALA A 522 -18.26 -36.88 18.73
CA ALA A 522 -19.14 -37.99 19.15
C ALA A 522 -20.60 -37.80 18.74
N ASP A 523 -21.09 -36.56 18.80
CA ASP A 523 -22.46 -36.23 18.41
C ASP A 523 -22.62 -36.29 16.90
N LEU A 524 -21.56 -35.93 16.17
CA LEU A 524 -21.54 -35.92 14.72
C LEU A 524 -21.75 -37.29 14.07
N ARG A 525 -21.07 -38.32 14.58
CA ARG A 525 -21.18 -39.68 14.03
C ARG A 525 -22.60 -40.26 14.15
N GLN A 526 -23.22 -40.03 15.30
CA GLN A 526 -24.57 -40.49 15.59
C GLN A 526 -25.63 -39.77 14.75
N ARG A 527 -25.32 -38.54 14.34
CA ARG A 527 -26.23 -37.72 13.54
C ARG A 527 -26.07 -37.85 12.01
N ILE A 528 -25.18 -38.72 11.55
CA ILE A 528 -24.97 -38.96 10.11
C ILE A 528 -25.89 -40.10 9.64
N SER A 529 -26.83 -39.74 8.75
CA SER A 529 -27.80 -40.69 8.18
C SER A 529 -27.15 -41.70 7.23
N GLN A 530 -27.79 -42.86 7.03
CA GLN A 530 -27.28 -43.90 6.14
C GLN A 530 -27.20 -43.45 4.69
N GLU A 531 -28.08 -42.52 4.28
CA GLU A 531 -28.11 -41.96 2.93
C GLU A 531 -26.89 -41.08 2.70
N ASP A 532 -26.57 -40.24 3.69
CA ASP A 532 -25.44 -39.32 3.62
C ASP A 532 -24.11 -40.10 3.62
N GLU A 533 -24.01 -41.09 4.51
CA GLU A 533 -22.83 -41.95 4.63
C GLU A 533 -22.56 -42.75 3.35
N ASP A 534 -23.60 -43.43 2.84
CA ASP A 534 -23.51 -44.24 1.61
C ASP A 534 -23.06 -43.42 0.40
N ASP A 535 -23.64 -42.23 0.26
CA ASP A 535 -23.33 -41.33 -0.84
C ASP A 535 -21.92 -40.74 -0.75
N PHE A 536 -21.49 -40.46 0.48
CA PHE A 536 -20.16 -39.91 0.76
C PHE A 536 -19.11 -40.94 0.30
N ASN A 537 -19.36 -42.21 0.62
CA ASN A 537 -18.48 -43.32 0.28
C ASN A 537 -18.50 -43.61 -1.21
N ARG A 538 -19.64 -43.37 -1.86
CA ARG A 538 -19.81 -43.58 -3.31
C ARG A 538 -18.92 -42.56 -4.03
N VAL A 539 -19.01 -41.29 -3.62
CA VAL A 539 -18.22 -40.18 -4.20
C VAL A 539 -16.73 -40.32 -3.92
N CYS A 540 -16.37 -40.84 -2.75
CA CYS A 540 -14.96 -41.03 -2.39
C CYS A 540 -14.32 -42.18 -3.16
N ASP A 541 -15.09 -43.25 -3.36
CA ASP A 541 -14.61 -44.43 -4.13
C ASP A 541 -14.39 -44.01 -5.58
N GLU A 542 -15.29 -43.16 -6.10
CA GLU A 542 -15.20 -42.67 -7.49
C GLU A 542 -14.05 -41.68 -7.68
N TRP A 543 -13.79 -40.85 -6.67
CA TRP A 543 -12.71 -39.86 -6.72
C TRP A 543 -11.34 -40.53 -6.58
N ARG A 544 -11.23 -41.50 -5.67
CA ARG A 544 -9.97 -42.23 -5.46
C ARG A 544 -9.59 -43.07 -6.68
N ALA A 545 -10.61 -43.47 -7.44
CA ALA A 545 -10.45 -44.23 -8.68
C ALA A 545 -9.98 -43.30 -9.79
N TYR A 546 -10.46 -42.04 -9.78
CA TYR A 546 -10.07 -41.06 -10.79
C TYR A 546 -8.68 -40.45 -10.59
N TRP A 547 -8.35 -40.05 -9.35
CA TRP A 547 -7.06 -39.39 -9.06
C TRP A 547 -5.73 -39.86 -9.70
N PRO A 548 -5.42 -41.18 -9.73
CA PRO A 548 -4.15 -41.56 -10.36
C PRO A 548 -4.08 -41.28 -11.88
N THR A 549 -5.24 -41.03 -12.50
CA THR A 549 -5.34 -40.74 -13.93
C THR A 549 -5.18 -39.25 -14.26
N ASN A 550 -5.19 -38.41 -13.21
CA ASN A 550 -5.05 -36.95 -13.32
C ASN A 550 -3.62 -36.58 -13.73
N PRO A 551 -3.45 -35.89 -14.89
CA PRO A 551 -2.12 -35.48 -15.38
C PRO A 551 -1.50 -34.26 -14.69
N TYR A 552 -2.19 -33.73 -13.68
CA TYR A 552 -1.73 -32.57 -12.93
C TYR A 552 -1.64 -32.83 -11.42
N PRO A 553 -0.64 -32.23 -10.73
CA PRO A 553 -0.53 -32.44 -9.28
C PRO A 553 -1.32 -31.36 -8.50
N LYS A 554 -1.48 -31.58 -7.20
CA LYS A 554 -2.15 -30.62 -6.32
C LYS A 554 -1.03 -29.70 -5.83
N ILE A 555 -1.08 -28.43 -6.26
CA ILE A 555 -0.05 -27.45 -5.92
C ILE A 555 -0.31 -26.59 -4.67
N ASP A 556 -1.46 -26.76 -4.03
CA ASP A 556 -1.78 -25.97 -2.84
C ASP A 556 -2.53 -26.74 -1.74
N SER A 557 -3.13 -26.01 -0.80
CA SER A 557 -3.89 -26.60 0.33
C SER A 557 -5.08 -27.46 -0.08
N GLY A 558 -5.58 -27.21 -1.29
CA GLY A 558 -6.73 -27.94 -1.78
C GLY A 558 -8.04 -27.24 -1.43
N LEU A 559 -7.93 -26.12 -0.71
CA LEU A 559 -9.08 -25.33 -0.26
C LEU A 559 -9.14 -23.94 -0.87
N GLU B 1 27.45 39.41 -6.13
CA GLU B 1 26.65 40.64 -5.84
C GLU B 1 25.93 41.12 -7.12
N PRO B 2 24.58 41.26 -7.06
CA PRO B 2 23.76 41.71 -8.21
C PRO B 2 23.79 43.20 -8.56
N THR B 3 23.45 43.51 -9.81
CA THR B 3 23.39 44.89 -10.31
C THR B 3 22.08 45.19 -11.04
N CYS B 4 21.59 44.22 -11.82
CA CYS B 4 20.36 44.39 -12.59
C CYS B 4 19.18 43.46 -12.24
N ASN B 5 19.22 42.83 -11.06
CA ASN B 5 18.14 41.93 -10.63
C ASN B 5 17.04 42.72 -9.92
N THR B 6 16.00 43.04 -10.69
CA THR B 6 14.85 43.82 -10.23
C THR B 6 13.57 42.97 -10.29
N PRO B 7 12.51 43.30 -9.48
CA PRO B 7 11.27 42.51 -9.53
C PRO B 7 10.61 42.37 -10.91
N SER B 8 10.87 43.33 -11.80
CA SER B 8 10.33 43.32 -13.16
C SER B 8 11.23 42.53 -14.11
N ASN B 9 12.52 42.42 -13.77
CA ASN B 9 13.49 41.69 -14.58
C ASN B 9 14.36 40.82 -13.65
N ARG B 10 13.86 39.62 -13.37
CA ARG B 10 14.59 38.68 -12.52
C ARG B 10 15.56 37.86 -13.35
N ALA B 11 15.41 37.93 -14.68
CA ALA B 11 16.29 37.22 -15.62
C ALA B 11 17.71 37.78 -15.70
N CYS B 12 17.88 39.03 -15.26
CA CYS B 12 19.18 39.71 -15.25
C CYS B 12 19.88 39.53 -13.89
N TRP B 13 21.22 39.51 -13.90
CA TRP B 13 21.98 39.36 -12.66
C TRP B 13 23.17 40.32 -12.57
N SER B 14 24.15 40.13 -13.44
CA SER B 14 25.35 40.95 -13.48
C SER B 14 25.88 40.99 -14.91
N ASP B 15 26.92 41.81 -15.11
CA ASP B 15 27.57 42.00 -16.41
C ASP B 15 28.15 40.70 -16.99
N GLY B 16 27.43 40.14 -17.96
CA GLY B 16 27.85 38.91 -18.61
C GLY B 16 27.21 37.65 -18.07
N PHE B 17 26.35 37.81 -17.07
CA PHE B 17 25.68 36.68 -16.44
C PHE B 17 24.18 36.89 -16.33
N ASP B 18 23.43 35.91 -16.79
CA ASP B 18 21.96 35.92 -16.76
C ASP B 18 21.36 34.50 -16.68
N ILE B 19 20.04 34.38 -16.91
CA ILE B 19 19.34 33.10 -16.85
C ILE B 19 19.70 32.13 -17.98
N ASN B 20 20.23 32.68 -19.07
CA ASN B 20 20.61 31.90 -20.25
C ASN B 20 22.08 31.46 -20.28
N THR B 21 22.87 32.00 -19.35
CA THR B 21 24.30 31.68 -19.21
C THR B 21 24.45 30.22 -18.77
N ASP B 22 25.37 29.50 -19.40
CA ASP B 22 25.61 28.12 -19.03
C ASP B 22 26.40 28.09 -17.72
N TYR B 23 25.66 28.05 -16.61
CA TYR B 23 26.22 28.05 -15.25
C TYR B 23 27.13 26.87 -14.92
N GLU B 24 26.99 25.76 -15.67
CA GLU B 24 27.80 24.56 -15.48
C GLU B 24 29.26 24.78 -15.89
N VAL B 25 29.49 25.77 -16.75
CA VAL B 25 30.86 26.09 -17.23
C VAL B 25 31.34 27.54 -17.01
N SER B 26 30.43 28.44 -16.63
CA SER B 26 30.76 29.85 -16.36
C SER B 26 30.23 30.29 -15.00
N THR B 27 31.14 30.84 -14.19
CA THR B 27 30.83 31.28 -12.83
C THR B 27 31.45 32.66 -12.58
N PRO B 28 30.68 33.59 -11.96
CA PRO B 28 31.21 34.94 -11.66
C PRO B 28 32.17 35.02 -10.49
N ASP B 29 33.17 35.89 -10.61
CA ASP B 29 34.15 36.10 -9.54
C ASP B 29 33.73 37.32 -8.70
N THR B 30 33.09 37.04 -7.57
CA THR B 30 32.65 38.08 -6.62
C THR B 30 33.76 38.30 -5.59
N GLY B 31 34.56 37.26 -5.37
CA GLY B 31 35.67 37.29 -4.42
C GLY B 31 35.23 37.36 -2.97
N VAL B 32 33.95 37.05 -2.73
CA VAL B 32 33.33 37.09 -1.42
C VAL B 32 33.11 35.68 -0.83
N THR B 33 33.39 35.54 0.46
CA THR B 33 33.20 34.30 1.19
C THR B 33 32.21 34.48 2.33
N GLN B 34 31.27 33.53 2.43
CA GLN B 34 30.27 33.51 3.51
C GLN B 34 30.61 32.29 4.35
N SER B 35 30.95 32.53 5.61
CA SER B 35 31.34 31.47 6.53
C SER B 35 30.38 31.24 7.70
N TYR B 36 30.29 29.97 8.11
CA TYR B 36 29.43 29.49 9.20
C TYR B 36 30.18 28.45 10.03
N VAL B 37 29.80 28.32 11.30
CA VAL B 37 30.36 27.33 12.21
C VAL B 37 29.19 26.42 12.62
N PHE B 38 29.40 25.11 12.49
CA PHE B 38 28.38 24.10 12.83
C PHE B 38 28.81 23.35 14.08
N ASN B 39 28.14 23.60 15.19
CA ASN B 39 28.45 22.93 16.44
C ASN B 39 27.39 21.86 16.64
N LEU B 40 27.81 20.60 16.53
CA LEU B 40 26.90 19.46 16.67
C LEU B 40 26.79 19.00 18.11
N THR B 41 25.62 19.10 18.70
CA THR B 41 25.42 18.65 20.09
C THR B 41 24.38 17.55 20.20
N GLU B 42 24.55 16.71 21.22
CA GLU B 42 23.65 15.59 21.50
C GLU B 42 22.77 16.02 22.67
N VAL B 43 21.48 16.12 22.41
CA VAL B 43 20.51 16.54 23.42
C VAL B 43 19.53 15.40 23.70
N ASP B 44 19.40 15.05 24.98
CA ASP B 44 18.48 14.00 25.42
C ASP B 44 17.23 14.67 25.99
N ASN B 45 16.10 13.96 25.90
CA ASN B 45 14.79 14.43 26.39
C ASN B 45 14.40 15.83 25.89
N TRP B 46 14.57 16.02 24.57
CA TRP B 46 14.29 17.27 23.89
C TRP B 46 12.81 17.42 23.58
N MET B 47 12.28 18.59 23.89
CA MET B 47 10.88 18.95 23.66
C MET B 47 10.72 19.33 22.17
N GLY B 48 10.01 18.46 21.45
CA GLY B 48 9.75 18.66 20.03
C GLY B 48 8.69 19.70 19.73
N PRO B 49 8.59 20.17 18.47
CA PRO B 49 7.61 21.19 18.04
C PRO B 49 6.13 20.85 18.13
N ASP B 50 5.81 19.57 18.30
CA ASP B 50 4.41 19.14 18.41
C ASP B 50 3.97 18.73 19.83
N GLY B 51 4.74 19.18 20.83
CA GLY B 51 4.42 18.90 22.22
C GLY B 51 5.02 17.63 22.83
N VAL B 52 5.50 16.73 21.98
CA VAL B 52 6.09 15.46 22.42
C VAL B 52 7.58 15.58 22.72
N VAL B 53 8.05 14.71 23.62
CA VAL B 53 9.45 14.66 24.04
C VAL B 53 10.13 13.43 23.42
N LYS B 54 11.21 13.69 22.68
CA LYS B 54 11.99 12.63 22.03
C LYS B 54 13.14 12.21 22.91
N GLU B 55 13.46 10.92 22.88
CA GLU B 55 14.54 10.30 23.64
C GLU B 55 15.88 10.99 23.37
N LYS B 56 16.28 11.01 22.10
CA LYS B 56 17.55 11.61 21.67
C LYS B 56 17.43 12.35 20.33
N VAL B 57 18.19 13.44 20.21
CA VAL B 57 18.27 14.25 19.00
C VAL B 57 19.72 14.74 18.82
N MET B 58 20.13 14.96 17.57
CA MET B 58 21.47 15.45 17.25
C MET B 58 21.27 16.74 16.45
N LEU B 59 21.48 17.86 17.14
CA LEU B 59 21.25 19.20 16.59
C LEU B 59 22.49 20.02 16.29
N ILE B 60 22.33 20.96 15.34
CA ILE B 60 23.39 21.88 14.94
C ILE B 60 23.01 23.21 15.55
N ASN B 61 23.96 23.81 16.29
CA ASN B 61 23.79 25.10 16.97
C ASN B 61 22.55 25.19 17.90
N GLY B 62 22.16 24.04 18.45
CA GLY B 62 21.02 23.93 19.37
C GLY B 62 19.61 24.05 18.82
N ASN B 63 19.46 24.11 17.49
CA ASN B 63 18.16 24.23 16.84
C ASN B 63 17.74 22.94 16.10
N ILE B 64 16.48 22.88 15.69
CA ILE B 64 15.91 21.72 14.97
C ILE B 64 16.59 21.53 13.61
N MET B 65 17.04 22.65 13.06
CA MET B 65 17.75 22.69 11.79
C MET B 65 18.96 23.59 11.98
N GLY B 66 19.98 23.36 11.17
CA GLY B 66 21.18 24.17 11.23
C GLY B 66 20.96 25.52 10.58
N PRO B 67 21.98 26.40 10.52
CA PRO B 67 21.86 27.73 9.90
C PRO B 67 21.44 27.68 8.43
N ASN B 68 20.58 28.63 8.05
CA ASN B 68 20.13 28.76 6.66
C ASN B 68 21.29 29.42 5.91
N ILE B 69 22.02 28.63 5.13
CA ILE B 69 23.16 29.11 4.34
C ILE B 69 22.65 30.02 3.22
N VAL B 70 23.10 31.27 3.25
CA VAL B 70 22.73 32.31 2.27
C VAL B 70 23.99 32.93 1.65
N ALA B 71 24.07 32.90 0.32
CA ALA B 71 25.19 33.44 -0.47
C ALA B 71 24.75 33.71 -1.93
N ASN B 72 25.57 34.44 -2.69
CA ASN B 72 25.26 34.75 -4.09
C ASN B 72 26.01 33.81 -5.03
N TRP B 73 25.55 33.76 -6.27
CA TRP B 73 26.14 32.97 -7.35
C TRP B 73 27.57 33.46 -7.57
N GLY B 74 28.52 32.53 -7.42
CA GLY B 74 29.92 32.85 -7.58
C GLY B 74 30.67 33.12 -6.29
N ASP B 75 29.99 33.01 -5.16
CA ASP B 75 30.61 33.22 -3.86
C ASP B 75 31.25 31.90 -3.46
N THR B 76 31.94 31.94 -2.32
CA THR B 76 32.57 30.76 -1.78
C THR B 76 31.94 30.58 -0.41
N VAL B 77 31.38 29.40 -0.17
CA VAL B 77 30.78 29.12 1.13
C VAL B 77 31.83 28.33 1.91
N GLU B 78 31.98 28.64 3.19
CA GLU B 78 32.95 27.97 4.05
C GLU B 78 32.29 27.58 5.36
N VAL B 79 32.45 26.32 5.76
CA VAL B 79 31.81 25.85 6.99
C VAL B 79 32.73 25.01 7.89
N THR B 80 32.87 25.43 9.14
CA THR B 80 33.67 24.70 10.12
C THR B 80 32.72 23.83 10.95
N VAL B 81 32.81 22.51 10.76
CA VAL B 81 31.96 21.59 11.50
C VAL B 81 32.70 20.99 12.69
N ILE B 82 32.18 21.27 13.89
CA ILE B 82 32.75 20.77 15.15
C ILE B 82 31.82 19.69 15.71
N ASN B 83 32.35 18.49 15.84
CA ASN B 83 31.59 17.36 16.36
C ASN B 83 31.69 17.21 17.88
N ASN B 84 30.66 17.68 18.59
CA ASN B 84 30.60 17.56 20.04
C ASN B 84 29.59 16.49 20.48
N LEU B 85 29.33 15.52 19.59
CA LEU B 85 28.45 14.38 19.89
C LEU B 85 29.22 13.45 20.84
N VAL B 86 28.53 12.48 21.43
CA VAL B 86 29.17 11.57 22.40
C VAL B 86 29.97 10.41 21.79
N THR B 87 29.31 9.61 20.93
CA THR B 87 29.94 8.44 20.30
C THR B 87 30.08 8.50 18.78
N ASN B 88 29.07 9.11 18.13
CA ASN B 88 29.03 9.20 16.67
C ASN B 88 30.09 10.05 16.00
N GLY B 89 30.48 9.62 14.80
CA GLY B 89 31.36 10.42 13.98
C GLY B 89 30.35 11.22 13.14
N THR B 90 30.82 12.06 12.23
CA THR B 90 29.91 12.85 11.38
C THR B 90 30.57 13.31 10.08
N SER B 91 29.74 13.69 9.11
CA SER B 91 30.20 14.19 7.80
C SER B 91 29.05 14.91 7.13
N ILE B 92 29.21 16.20 6.85
CA ILE B 92 28.13 16.97 6.22
C ILE B 92 28.21 16.99 4.70
N HIS B 93 27.12 16.52 4.09
CA HIS B 93 26.95 16.44 2.65
C HIS B 93 26.13 17.63 2.19
N TRP B 94 26.62 18.28 1.15
CA TRP B 94 26.00 19.46 0.55
C TRP B 94 25.28 18.98 -0.72
N HIS B 95 24.07 18.49 -0.48
CA HIS B 95 23.15 17.94 -1.48
C HIS B 95 22.80 18.99 -2.53
N GLY B 96 23.08 18.66 -3.80
CA GLY B 96 22.79 19.57 -4.89
C GLY B 96 24.03 20.26 -5.41
N ILE B 97 24.95 20.56 -4.50
CA ILE B 97 26.22 21.23 -4.85
C ILE B 97 27.17 20.23 -5.50
N HIS B 98 27.38 20.42 -6.81
CA HIS B 98 28.21 19.57 -7.66
C HIS B 98 29.67 19.29 -7.33
N GLN B 99 30.27 20.17 -6.53
CA GLN B 99 31.68 20.06 -6.12
C GLN B 99 32.66 19.88 -7.29
N LYS B 100 32.56 20.77 -8.29
CA LYS B 100 33.43 20.76 -9.49
C LYS B 100 34.92 20.81 -9.11
N ASP B 101 35.57 19.65 -9.23
CA ASP B 101 36.99 19.44 -8.88
C ASP B 101 37.32 19.67 -7.39
N THR B 102 36.30 19.53 -6.53
CA THR B 102 36.46 19.67 -5.07
C THR B 102 35.75 18.50 -4.39
N ASN B 103 35.96 17.31 -4.95
CA ASN B 103 35.41 16.01 -4.49
C ASN B 103 35.57 15.75 -2.98
N LEU B 104 36.72 16.13 -2.42
CA LEU B 104 37.02 15.95 -1.00
C LEU B 104 36.18 16.75 -0.02
N HIS B 105 35.38 17.67 -0.57
CA HIS B 105 34.49 18.50 0.24
C HIS B 105 33.02 18.04 0.17
N ASP B 106 32.79 16.91 -0.51
CA ASP B 106 31.45 16.33 -0.70
C ASP B 106 30.77 15.83 0.60
N GLY B 107 31.58 15.49 1.61
CA GLY B 107 31.04 15.04 2.89
C GLY B 107 30.44 13.66 2.97
N ALA B 108 30.87 12.77 2.08
CA ALA B 108 30.36 11.41 2.04
C ALA B 108 31.42 10.52 2.68
N ASN B 109 31.21 10.20 3.96
CA ASN B 109 32.15 9.37 4.71
C ASN B 109 32.31 7.96 4.18
N GLY B 110 33.55 7.47 4.22
CA GLY B 110 33.88 6.16 3.70
C GLY B 110 34.14 6.20 2.19
N VAL B 111 33.89 7.37 1.59
CA VAL B 111 34.07 7.61 0.15
C VAL B 111 35.06 8.77 -0.06
N THR B 112 34.64 10.00 0.26
CA THR B 112 35.47 11.19 0.07
C THR B 112 36.25 11.66 1.29
N GLU B 113 35.93 11.08 2.45
CA GLU B 113 36.56 11.42 3.72
C GLU B 113 36.25 10.41 4.83
N CYS B 114 36.96 10.55 5.94
CA CYS B 114 36.73 9.74 7.12
C CYS B 114 35.79 10.62 7.95
N PRO B 115 34.96 10.02 8.84
CA PRO B 115 34.06 10.85 9.65
C PRO B 115 34.85 11.73 10.61
N ILE B 116 34.27 12.88 10.96
CA ILE B 116 34.89 13.80 11.90
C ILE B 116 34.63 13.14 13.27
N PRO B 117 35.70 12.84 14.05
CA PRO B 117 35.52 12.20 15.38
C PRO B 117 34.75 13.04 16.42
N PRO B 118 34.02 12.38 17.35
CA PRO B 118 33.27 13.12 18.36
C PRO B 118 34.16 13.74 19.45
N LYS B 119 33.53 14.31 20.47
CA LYS B 119 34.20 14.95 21.60
C LYS B 119 35.19 16.06 21.18
N GLY B 120 34.74 16.92 20.27
CA GLY B 120 35.57 18.03 19.82
C GLY B 120 36.29 17.94 18.49
N GLY B 121 35.99 16.93 17.67
CA GLY B 121 36.61 16.78 16.35
C GLY B 121 36.27 17.95 15.45
N GLN B 122 37.18 18.32 14.56
CA GLN B 122 36.98 19.49 13.71
C GLN B 122 37.39 19.27 12.25
N ARG B 123 36.71 20.00 11.36
CA ARG B 123 36.97 20.00 9.93
C ARG B 123 36.26 21.19 9.29
N THR B 124 36.93 21.81 8.34
CA THR B 124 36.39 22.96 7.63
C THR B 124 36.18 22.62 6.16
N TYR B 125 34.93 22.80 5.71
CA TYR B 125 34.54 22.54 4.32
C TYR B 125 34.60 23.85 3.56
N ARG B 126 34.94 23.80 2.28
CA ARG B 126 35.02 25.00 1.46
C ARG B 126 34.66 24.64 0.02
N TRP B 127 33.67 25.34 -0.54
CA TRP B 127 33.20 25.10 -1.92
C TRP B 127 32.68 26.35 -2.62
N ARG B 128 32.77 26.33 -3.94
CA ARG B 128 32.32 27.43 -4.77
C ARG B 128 30.86 27.21 -5.20
N ALA B 129 30.08 28.30 -5.15
CA ALA B 129 28.66 28.30 -5.52
C ALA B 129 28.52 28.52 -7.02
N ARG B 130 28.69 27.43 -7.78
CA ARG B 130 28.61 27.48 -9.24
C ARG B 130 27.20 27.26 -9.79
N GLN B 131 26.25 27.06 -8.87
CA GLN B 131 24.86 26.84 -9.19
C GLN B 131 23.99 27.77 -8.36
N TYR B 132 22.93 28.29 -8.96
CA TYR B 132 22.02 29.18 -8.25
C TYR B 132 20.63 28.52 -8.10
N GLY B 133 20.11 28.56 -6.88
CA GLY B 133 18.81 27.94 -6.60
C GLY B 133 18.66 27.45 -5.18
N THR B 134 17.84 26.42 -5.01
CA THR B 134 17.57 25.85 -3.70
C THR B 134 18.15 24.45 -3.53
N SER B 135 18.81 24.24 -2.40
CA SER B 135 19.41 22.95 -2.05
C SER B 135 19.40 22.76 -0.54
N TRP B 136 20.11 21.75 -0.05
CA TRP B 136 20.18 21.46 1.38
C TRP B 136 21.42 20.69 1.77
N TYR B 137 21.63 20.57 3.08
CA TYR B 137 22.74 19.81 3.63
C TYR B 137 22.25 18.82 4.69
N HIS B 138 23.03 17.76 4.90
CA HIS B 138 22.71 16.71 5.87
C HIS B 138 23.91 15.78 6.14
N SER B 139 23.85 15.02 7.23
CA SER B 139 24.90 14.05 7.56
C SER B 139 24.74 12.82 6.65
N HIS B 140 25.84 12.08 6.47
CA HIS B 140 25.87 10.87 5.66
C HIS B 140 26.45 9.73 6.49
N PHE B 141 26.51 9.97 7.82
CA PHE B 141 27.00 8.99 8.78
C PHE B 141 25.78 8.17 9.11
N SER B 142 25.62 7.06 8.37
CA SER B 142 24.45 6.18 8.48
C SER B 142 23.19 7.03 8.26
N ALA B 143 22.26 7.03 9.20
CA ALA B 143 21.01 7.79 9.07
C ALA B 143 20.88 8.87 10.16
N GLN B 144 22.04 9.38 10.59
CA GLN B 144 22.19 10.41 11.61
C GLN B 144 21.39 11.68 11.35
N TYR B 145 21.11 11.95 10.08
CA TYR B 145 20.33 13.14 9.70
C TYR B 145 18.86 13.00 10.13
N GLY B 146 18.48 11.77 10.47
CA GLY B 146 17.14 11.48 10.97
C GLY B 146 16.99 12.03 12.38
N ASN B 147 18.12 12.27 13.04
CA ASN B 147 18.15 12.82 14.40
C ASN B 147 18.13 14.36 14.42
N GLY B 148 18.38 14.98 13.27
CA GLY B 148 18.35 16.45 13.20
C GLY B 148 19.51 17.16 12.53
N VAL B 149 20.55 16.44 12.15
CA VAL B 149 21.71 17.05 11.48
C VAL B 149 21.34 17.37 10.02
N VAL B 150 20.60 18.47 9.86
CA VAL B 150 20.06 18.90 8.58
C VAL B 150 19.88 20.43 8.53
N GLY B 151 19.75 20.96 7.31
CA GLY B 151 19.55 22.39 7.11
C GLY B 151 19.44 22.73 5.64
N THR B 152 19.12 24.00 5.33
CA THR B 152 18.92 24.47 3.95
C THR B 152 20.00 25.38 3.36
N ILE B 153 20.06 25.44 2.02
CA ILE B 153 21.00 26.29 1.27
C ILE B 153 20.26 27.17 0.23
N GLN B 154 20.54 28.47 0.27
CA GLN B 154 19.94 29.41 -0.69
C GLN B 154 21.04 30.18 -1.41
N ILE B 155 21.32 29.77 -2.65
CA ILE B 155 22.33 30.46 -3.46
C ILE B 155 21.55 31.36 -4.43
N ASN B 156 21.57 32.66 -4.15
CA ASN B 156 20.85 33.64 -4.97
C ASN B 156 21.43 33.80 -6.38
N GLY B 157 20.53 34.06 -7.31
CA GLY B 157 20.88 34.25 -8.71
C GLY B 157 19.63 34.71 -9.44
N PRO B 158 19.62 34.67 -10.79
CA PRO B 158 18.43 35.08 -11.57
C PRO B 158 17.33 34.00 -11.60
N ALA B 159 16.19 34.35 -12.20
CA ALA B 159 15.06 33.42 -12.32
C ALA B 159 14.44 33.45 -13.72
N SER B 160 13.62 32.45 -14.01
CA SER B 160 12.95 32.32 -15.31
C SER B 160 11.60 33.03 -15.37
N LEU B 161 11.27 33.80 -14.32
CA LEU B 161 10.01 34.54 -14.25
C LEU B 161 10.08 35.72 -13.27
N PRO B 162 9.42 36.85 -13.60
CA PRO B 162 9.44 37.98 -12.66
C PRO B 162 8.60 37.68 -11.41
N TYR B 163 9.04 38.22 -10.26
CA TYR B 163 8.35 38.05 -8.98
C TYR B 163 8.71 39.21 -8.07
N ASP B 164 7.85 39.49 -7.09
CA ASP B 164 8.09 40.62 -6.19
C ASP B 164 8.80 40.28 -4.90
N ILE B 165 8.31 39.24 -4.22
CA ILE B 165 8.83 38.81 -2.92
C ILE B 165 9.46 37.40 -2.94
N ASP B 166 10.51 37.24 -2.14
CA ASP B 166 11.20 35.96 -1.97
C ASP B 166 10.95 35.55 -0.50
N LEU B 167 10.02 34.61 -0.31
CA LEU B 167 9.63 34.09 0.99
C LEU B 167 10.70 33.21 1.64
N GLY B 168 11.68 32.81 0.83
CA GLY B 168 12.78 31.98 1.32
C GLY B 168 12.45 30.51 1.34
N VAL B 169 13.20 29.78 2.16
CA VAL B 169 13.06 28.33 2.28
C VAL B 169 11.82 27.85 3.04
N PHE B 170 11.29 26.70 2.61
CA PHE B 170 10.10 26.08 3.18
C PHE B 170 10.32 24.55 3.22
N PRO B 171 11.19 24.05 4.14
CA PRO B 171 11.45 22.62 4.24
C PRO B 171 10.35 21.81 4.92
N ILE B 172 9.90 20.77 4.23
CA ILE B 172 8.87 19.87 4.73
C ILE B 172 9.55 18.52 4.97
N THR B 173 9.48 18.01 6.20
CA THR B 173 10.13 16.75 6.56
C THR B 173 9.27 15.78 7.33
N ASP B 174 9.69 14.52 7.36
CA ASP B 174 8.97 13.53 8.18
C ASP B 174 9.54 13.65 9.60
N TYR B 175 8.74 13.25 10.58
CA TYR B 175 9.13 13.36 11.99
C TYR B 175 8.76 12.10 12.76
N TYR B 176 9.79 11.44 13.29
CA TYR B 176 9.64 10.23 14.08
C TYR B 176 10.07 10.50 15.51
N TYR B 177 9.33 9.97 16.48
CA TYR B 177 9.66 10.16 17.89
C TYR B 177 10.85 9.27 18.30
N ARG B 178 11.05 8.18 17.56
CA ARG B 178 12.15 7.24 17.79
C ARG B 178 13.40 7.70 17.06
N ALA B 179 14.57 7.43 17.65
CA ALA B 179 15.86 7.82 17.05
C ALA B 179 16.17 7.04 15.79
N ALA B 180 17.04 7.60 14.95
CA ALA B 180 17.43 7.01 13.67
C ALA B 180 18.05 5.62 13.74
N ASP B 181 18.94 5.40 14.71
CA ASP B 181 19.60 4.10 14.89
C ASP B 181 18.63 2.99 15.26
N ASP B 182 17.58 3.35 16.01
CA ASP B 182 16.54 2.41 16.43
C ASP B 182 15.63 2.08 15.24
N LEU B 183 15.49 3.04 14.33
CA LEU B 183 14.66 2.87 13.13
C LEU B 183 15.42 2.12 12.03
N VAL B 184 16.74 2.21 12.05
CA VAL B 184 17.57 1.48 11.08
C VAL B 184 17.53 0.01 11.50
N HIS B 185 17.63 -0.24 12.81
CA HIS B 185 17.58 -1.60 13.37
C HIS B 185 16.19 -2.22 13.17
N PHE B 186 15.14 -1.40 13.29
CA PHE B 186 13.75 -1.83 13.09
C PHE B 186 13.52 -2.20 11.62
N THR B 187 13.91 -1.31 10.70
CA THR B 187 13.73 -1.56 9.25
C THR B 187 14.57 -2.66 8.62
N GLN B 188 15.58 -3.13 9.35
CA GLN B 188 16.44 -4.21 8.87
C GLN B 188 15.65 -5.53 8.85
N ASN B 189 14.68 -5.66 9.76
CA ASN B 189 13.85 -6.86 9.85
C ASN B 189 12.34 -6.61 9.74
N ASN B 190 11.94 -5.34 9.71
CA ASN B 190 10.54 -4.95 9.58
C ASN B 190 10.29 -3.95 8.44
N ALA B 191 9.03 -3.81 8.05
CA ALA B 191 8.61 -2.87 7.01
C ALA B 191 8.62 -1.46 7.64
N PRO B 192 9.08 -0.42 6.90
CA PRO B 192 9.14 0.96 7.40
C PRO B 192 7.83 1.51 7.99
N PRO B 193 7.90 2.20 9.15
CA PRO B 193 6.66 2.72 9.74
C PRO B 193 6.20 4.03 9.09
N PHE B 194 4.97 4.43 9.41
CA PHE B 194 4.44 5.70 8.94
C PHE B 194 5.07 6.73 9.88
N SER B 195 5.28 7.94 9.40
CA SER B 195 5.84 9.01 10.23
C SER B 195 4.84 9.40 11.30
N ASP B 196 5.34 9.87 12.44
CA ASP B 196 4.49 10.28 13.55
C ASP B 196 3.83 11.63 13.26
N ASN B 197 4.49 12.42 12.42
CA ASN B 197 4.00 13.73 12.00
C ASN B 197 4.86 14.20 10.81
N VAL B 198 4.49 15.35 10.25
CA VAL B 198 5.20 15.96 9.15
C VAL B 198 5.34 17.44 9.52
N LEU B 199 6.58 17.87 9.69
CA LEU B 199 6.90 19.26 10.03
C LEU B 199 7.04 20.12 8.80
N ILE B 200 6.30 21.22 8.78
CA ILE B 200 6.39 22.17 7.66
C ILE B 200 7.06 23.41 8.24
N ASN B 201 8.29 23.67 7.77
CA ASN B 201 9.13 24.80 8.19
C ASN B 201 9.39 24.76 9.71
N GLY B 202 9.72 23.55 10.19
CA GLY B 202 10.04 23.34 11.59
C GLY B 202 8.91 23.03 12.57
N THR B 203 7.67 23.38 12.22
CA THR B 203 6.53 23.14 13.12
C THR B 203 5.39 22.29 12.53
N ALA B 204 4.56 21.76 13.44
CA ALA B 204 3.38 20.96 13.12
C ALA B 204 2.52 20.89 14.37
N VAL B 205 1.27 20.52 14.19
CA VAL B 205 0.31 20.35 15.27
C VAL B 205 0.20 18.86 15.55
N ASN B 206 0.10 18.50 16.83
CA ASN B 206 -0.06 17.12 17.26
C ASN B 206 -1.52 16.74 16.98
N PRO B 207 -1.75 15.71 16.13
CA PRO B 207 -3.11 15.25 15.78
C PRO B 207 -3.95 14.64 16.90
N ASN B 208 -3.33 14.38 18.05
CA ASN B 208 -4.01 13.79 19.20
C ASN B 208 -4.27 14.79 20.33
N THR B 209 -3.22 15.51 20.73
CA THR B 209 -3.29 16.48 21.84
C THR B 209 -3.66 17.93 21.50
N GLY B 210 -3.59 18.28 20.21
CA GLY B 210 -3.89 19.63 19.79
C GLY B 210 -2.79 20.64 20.13
N GLU B 211 -1.62 20.12 20.53
CA GLU B 211 -0.47 20.94 20.88
C GLU B 211 0.37 21.27 19.65
N GLY B 212 1.24 22.27 19.76
CA GLY B 212 2.10 22.68 18.66
C GLY B 212 1.47 23.79 17.84
N GLN B 213 2.21 24.28 16.83
CA GLN B 213 1.72 25.35 15.97
C GLN B 213 1.79 25.04 14.49
N TYR B 214 0.91 25.70 13.72
CA TYR B 214 0.86 25.55 12.27
C TYR B 214 1.84 26.54 11.64
N ALA B 215 2.54 26.12 10.59
CA ALA B 215 3.47 27.00 9.86
C ALA B 215 2.59 28.10 9.24
N ASN B 216 2.98 29.35 9.47
CA ASN B 216 2.21 30.50 9.00
C ASN B 216 2.98 31.41 8.03
N VAL B 217 2.52 31.43 6.79
CA VAL B 217 3.13 32.24 5.73
C VAL B 217 2.22 33.44 5.41
N THR B 218 2.76 34.65 5.53
CA THR B 218 1.99 35.84 5.22
C THR B 218 2.25 36.31 3.78
N LEU B 219 1.17 36.26 2.99
CA LEU B 219 1.19 36.69 1.60
C LEU B 219 0.71 38.14 1.51
N THR B 220 1.35 38.92 0.63
CA THR B 220 0.97 40.31 0.41
C THR B 220 0.00 40.29 -0.78
N PRO B 221 -1.22 40.86 -0.64
CA PRO B 221 -2.22 40.90 -1.73
C PRO B 221 -1.77 41.40 -3.10
N GLY B 222 -2.11 40.62 -4.13
CA GLY B 222 -1.78 40.96 -5.50
C GLY B 222 -0.33 40.86 -5.96
N LYS B 223 0.54 40.50 -5.03
CA LYS B 223 1.97 40.36 -5.30
C LYS B 223 2.34 38.91 -5.62
N ARG B 224 3.40 38.74 -6.41
CA ARG B 224 3.89 37.42 -6.81
C ARG B 224 4.99 37.02 -5.83
N HIS B 225 4.84 35.84 -5.23
CA HIS B 225 5.78 35.33 -4.22
C HIS B 225 6.58 34.09 -4.63
N ARG B 226 7.89 34.09 -4.37
CA ARG B 226 8.73 32.93 -4.67
C ARG B 226 8.83 32.10 -3.39
N LEU B 227 8.46 30.82 -3.48
CA LEU B 227 8.52 29.91 -2.33
C LEU B 227 9.37 28.70 -2.70
N ARG B 228 10.42 28.48 -1.92
CA ARG B 228 11.39 27.40 -2.12
C ARG B 228 11.05 26.16 -1.27
N ILE B 229 10.25 25.27 -1.84
CA ILE B 229 9.79 24.04 -1.19
C ILE B 229 10.83 22.91 -1.27
N LEU B 230 11.15 22.30 -0.13
CA LEU B 230 12.12 21.21 -0.09
C LEU B 230 11.55 20.01 0.64
N ASN B 231 12.04 18.81 0.30
CA ASN B 231 11.62 17.60 0.99
C ASN B 231 12.91 17.06 1.63
N THR B 232 13.03 17.31 2.93
CA THR B 232 14.21 16.91 3.69
C THR B 232 13.99 15.64 4.52
N SER B 233 13.11 14.77 4.04
CA SER B 233 12.74 13.54 4.74
C SER B 233 13.75 12.40 4.73
N THR B 234 13.43 11.36 5.48
CA THR B 234 14.24 10.13 5.57
C THR B 234 13.52 9.02 4.77
N GLU B 235 12.20 9.17 4.55
CA GLU B 235 11.41 8.19 3.81
C GLU B 235 10.23 8.80 3.06
N ASN B 236 9.44 9.60 3.76
CA ASN B 236 8.24 10.23 3.18
C ASN B 236 8.41 11.02 1.88
N HIS B 237 7.58 10.67 0.90
CA HIS B 237 7.51 11.32 -0.39
C HIS B 237 6.17 12.10 -0.34
N PHE B 238 6.24 13.40 -0.61
CA PHE B 238 5.05 14.26 -0.52
C PHE B 238 4.37 14.73 -1.78
N GLN B 239 3.14 15.22 -1.59
CA GLN B 239 2.32 15.81 -2.64
C GLN B 239 1.89 17.11 -1.96
N VAL B 240 2.10 18.24 -2.61
CA VAL B 240 1.73 19.54 -2.03
C VAL B 240 0.74 20.34 -2.87
N SER B 241 -0.10 21.12 -2.20
CA SER B 241 -1.11 21.95 -2.87
C SER B 241 -1.60 23.08 -1.98
N LEU B 242 -2.06 24.16 -2.61
CA LEU B 242 -2.61 25.31 -1.88
C LEU B 242 -4.03 25.57 -2.38
N VAL B 243 -5.00 25.44 -1.47
CA VAL B 243 -6.44 25.60 -1.75
C VAL B 243 -6.77 26.89 -2.53
N ASN B 244 -7.42 26.68 -3.68
CA ASN B 244 -7.86 27.73 -4.63
C ASN B 244 -6.73 28.50 -5.32
N HIS B 245 -5.51 27.97 -5.22
CA HIS B 245 -4.34 28.59 -5.84
C HIS B 245 -3.55 27.57 -6.66
N THR B 246 -2.86 28.10 -7.66
CA THR B 246 -2.00 27.33 -8.54
C THR B 246 -0.57 27.72 -8.17
N MET B 247 0.40 26.88 -8.53
CA MET B 247 1.81 27.16 -8.26
C MET B 247 2.55 27.09 -9.59
N THR B 248 3.37 28.10 -9.86
CA THR B 248 4.15 28.14 -11.09
C THR B 248 5.61 27.79 -10.81
N VAL B 249 6.00 26.59 -11.26
CA VAL B 249 7.36 26.06 -11.09
C VAL B 249 8.41 26.81 -11.92
N ILE B 250 9.40 27.36 -11.24
CA ILE B 250 10.48 28.08 -11.91
C ILE B 250 11.84 27.39 -11.73
N ALA B 251 11.83 26.22 -11.07
CA ALA B 251 13.04 25.41 -10.84
C ALA B 251 12.78 24.04 -10.23
N ALA B 252 13.52 23.04 -10.74
CA ALA B 252 13.47 21.65 -10.28
C ALA B 252 14.85 21.39 -9.68
N ASP B 253 14.89 21.14 -8.37
CA ASP B 253 16.15 20.94 -7.62
C ASP B 253 17.00 22.21 -7.77
N MET B 254 18.25 22.11 -8.25
CA MET B 254 19.06 23.31 -8.42
C MET B 254 19.23 23.71 -9.88
N VAL B 255 18.24 23.35 -10.71
CA VAL B 255 18.23 23.66 -12.14
C VAL B 255 16.99 24.52 -12.50
N PRO B 256 17.18 25.77 -12.99
CA PRO B 256 16.08 26.68 -13.37
C PRO B 256 15.32 26.16 -14.60
N VAL B 257 13.98 26.08 -14.50
CA VAL B 257 13.15 25.60 -15.61
C VAL B 257 12.16 26.64 -16.12
N ASN B 258 11.67 26.45 -17.35
CA ASN B 258 10.69 27.36 -17.96
C ASN B 258 9.39 27.22 -17.17
N ALA B 259 8.74 28.36 -16.86
CA ALA B 259 7.49 28.44 -16.10
C ALA B 259 6.47 27.33 -16.39
N MET B 260 6.05 26.66 -15.33
CA MET B 260 5.09 25.56 -15.41
C MET B 260 4.07 25.62 -14.27
N THR B 261 2.85 26.03 -14.64
CA THR B 261 1.73 26.17 -13.71
C THR B 261 1.03 24.83 -13.46
N VAL B 262 0.93 24.44 -12.18
CA VAL B 262 0.31 23.19 -11.73
C VAL B 262 -0.62 23.44 -10.53
N ASP B 263 -1.49 22.47 -10.23
CA ASP B 263 -2.40 22.56 -9.07
C ASP B 263 -1.74 21.88 -7.86
N SER B 264 -0.93 20.85 -8.16
CA SER B 264 -0.20 20.09 -7.14
C SER B 264 1.15 19.64 -7.66
N LEU B 265 2.06 19.38 -6.72
CA LEU B 265 3.41 18.93 -7.04
C LEU B 265 3.84 17.77 -6.17
N PHE B 266 4.59 16.86 -6.76
CA PHE B 266 5.14 15.72 -6.07
C PHE B 266 6.60 16.03 -5.73
N LEU B 267 6.99 15.73 -4.48
CA LEU B 267 8.35 15.92 -4.00
C LEU B 267 8.88 14.65 -3.36
N ALA B 268 9.86 14.03 -4.01
CA ALA B 268 10.50 12.82 -3.48
C ALA B 268 11.50 13.23 -2.43
N VAL B 269 12.06 12.28 -1.68
CA VAL B 269 13.07 12.58 -0.66
C VAL B 269 14.26 13.21 -1.39
N GLY B 270 14.71 14.36 -0.92
CA GLY B 270 15.83 15.04 -1.55
C GLY B 270 15.47 16.07 -2.60
N GLN B 271 14.24 15.99 -3.13
CA GLN B 271 13.76 16.91 -4.17
C GLN B 271 13.38 18.29 -3.67
N ARG B 272 13.53 19.28 -4.56
CA ARG B 272 13.21 20.68 -4.30
C ARG B 272 12.46 21.29 -5.47
N TYR B 273 11.67 22.32 -5.16
CA TYR B 273 10.89 23.04 -6.16
C TYR B 273 10.75 24.50 -5.76
N ASP B 274 11.18 25.38 -6.68
CA ASP B 274 11.05 26.83 -6.50
C ASP B 274 9.80 27.18 -7.29
N VAL B 275 8.80 27.71 -6.60
CA VAL B 275 7.54 28.08 -7.23
C VAL B 275 7.21 29.55 -7.04
N VAL B 276 6.27 30.04 -7.86
CA VAL B 276 5.78 31.43 -7.80
C VAL B 276 4.27 31.38 -7.52
N ILE B 277 3.88 31.84 -6.33
CA ILE B 277 2.49 31.88 -5.90
C ILE B 277 2.00 33.33 -6.11
N ASP B 278 0.93 33.50 -6.87
CA ASP B 278 0.35 34.83 -7.11
C ASP B 278 -0.83 34.99 -6.15
N ALA B 279 -0.74 35.98 -5.26
CA ALA B 279 -1.81 36.24 -4.30
C ALA B 279 -2.98 37.00 -4.98
N SER B 280 -3.56 36.36 -5.99
CA SER B 280 -4.65 36.92 -6.79
C SER B 280 -6.09 36.53 -6.39
N ARG B 281 -6.23 35.82 -5.27
CA ARG B 281 -7.55 35.40 -4.79
C ARG B 281 -8.07 36.33 -3.71
N ALA B 282 -9.29 36.05 -3.22
CA ALA B 282 -9.95 36.85 -2.18
C ALA B 282 -9.22 36.75 -0.84
N PRO B 283 -9.08 37.89 -0.10
CA PRO B 283 -8.39 37.90 1.20
C PRO B 283 -9.01 36.98 2.26
N ASP B 284 -8.29 35.89 2.55
CA ASP B 284 -8.71 34.87 3.51
C ASP B 284 -7.47 34.06 3.92
N ASN B 285 -7.69 33.01 4.71
CA ASN B 285 -6.64 32.11 5.14
C ASN B 285 -6.87 30.82 4.38
N TYR B 286 -5.84 30.34 3.67
CA TYR B 286 -5.93 29.11 2.87
C TYR B 286 -4.97 28.02 3.35
N TRP B 287 -5.45 26.78 3.40
CA TRP B 287 -4.62 25.64 3.82
C TRP B 287 -3.60 25.26 2.75
N PHE B 288 -2.41 24.89 3.20
CA PHE B 288 -1.32 24.41 2.35
C PHE B 288 -1.32 22.95 2.78
N ASN B 289 -1.83 22.08 1.91
CA ASN B 289 -1.95 20.65 2.22
C ASN B 289 -0.85 19.73 1.74
N VAL B 290 -0.43 18.86 2.66
CA VAL B 290 0.55 17.80 2.39
C VAL B 290 -0.28 16.52 2.39
N THR B 291 -0.24 15.81 1.28
CA THR B 291 -0.98 14.56 1.10
C THR B 291 -0.06 13.46 0.56
N PHE B 292 -0.57 12.24 0.55
CA PHE B 292 0.16 11.08 0.06
C PHE B 292 -0.60 10.38 -1.06
N GLY B 293 0.17 9.79 -1.98
CA GLY B 293 -0.40 9.06 -3.09
C GLY B 293 0.38 7.78 -3.25
N GLY B 294 0.12 7.05 -4.34
CA GLY B 294 0.80 5.80 -4.60
C GLY B 294 0.36 4.66 -3.73
N GLN B 295 -0.78 4.84 -3.06
CA GLN B 295 -1.40 3.86 -2.16
C GLN B 295 -0.39 3.42 -1.06
N ALA B 296 0.26 4.44 -0.47
CA ALA B 296 1.28 4.31 0.58
C ALA B 296 2.56 3.58 0.18
N ALA B 297 2.80 3.47 -1.13
CA ALA B 297 3.99 2.81 -1.67
C ALA B 297 5.26 3.58 -1.38
N CYS B 298 5.13 4.88 -1.13
CA CYS B 298 6.28 5.72 -0.81
C CYS B 298 6.03 6.60 0.42
N GLY B 299 5.50 5.95 1.46
CA GLY B 299 5.25 6.65 2.71
C GLY B 299 3.84 7.05 3.05
N GLY B 300 3.70 7.46 4.31
CA GLY B 300 2.44 7.90 4.87
C GLY B 300 2.69 8.45 6.26
N SER B 301 1.73 9.17 6.83
CA SER B 301 1.89 9.74 8.16
C SER B 301 0.75 9.33 9.09
N LEU B 302 0.99 9.37 10.40
CA LEU B 302 -0.03 9.06 11.39
C LEU B 302 -0.87 10.32 11.63
N ASN B 303 -0.39 11.45 11.14
CA ASN B 303 -1.13 12.73 11.20
C ASN B 303 -1.85 12.65 9.84
N PRO B 304 -3.18 12.47 9.85
CA PRO B 304 -3.97 12.35 8.62
C PRO B 304 -4.00 13.57 7.71
N HIS B 305 -3.86 14.77 8.29
CA HIS B 305 -3.90 16.02 7.54
C HIS B 305 -2.84 17.07 7.92
N PRO B 306 -1.54 16.80 7.59
CA PRO B 306 -0.49 17.77 7.92
C PRO B 306 -0.66 18.98 7.01
N ALA B 307 -0.79 20.15 7.62
CA ALA B 307 -1.01 21.37 6.86
C ALA B 307 -0.38 22.62 7.46
N ALA B 308 -0.26 23.63 6.61
CA ALA B 308 0.28 24.94 6.96
C ALA B 308 -0.78 25.95 6.53
N ILE B 309 -0.71 27.16 7.08
CA ILE B 309 -1.66 28.23 6.78
C ILE B 309 -0.99 29.35 5.98
N PHE B 310 -1.69 29.79 4.92
CA PHE B 310 -1.22 30.90 4.10
C PHE B 310 -2.15 32.09 4.34
N HIS B 311 -1.71 32.98 5.22
CA HIS B 311 -2.47 34.17 5.62
C HIS B 311 -2.29 35.36 4.67
N TYR B 312 -3.41 35.95 4.25
CA TYR B 312 -3.39 37.13 3.39
C TYR B 312 -3.29 38.34 4.31
N ALA B 313 -2.30 39.21 4.05
CA ALA B 313 -2.08 40.43 4.85
C ALA B 313 -3.26 41.39 4.73
N GLY B 314 -3.88 41.69 5.88
CA GLY B 314 -5.02 42.59 5.92
C GLY B 314 -6.28 41.86 6.33
N ALA B 315 -6.34 40.57 6.01
CA ALA B 315 -7.47 39.68 6.31
C ALA B 315 -7.47 39.25 7.80
N PRO B 316 -8.61 38.71 8.32
CA PRO B 316 -8.62 38.28 9.73
C PRO B 316 -7.80 37.01 10.00
N GLY B 317 -7.44 36.80 11.26
CA GLY B 317 -6.68 35.63 11.65
C GLY B 317 -7.50 34.38 11.84
N GLY B 318 -6.89 33.37 12.45
CA GLY B 318 -7.58 32.11 12.70
C GLY B 318 -7.32 31.04 11.65
N LEU B 319 -8.05 29.93 11.78
CA LEU B 319 -7.93 28.80 10.89
C LEU B 319 -8.78 28.90 9.61
N PRO B 320 -8.28 28.35 8.47
CA PRO B 320 -9.01 28.37 7.20
C PRO B 320 -10.32 27.59 7.29
N THR B 321 -11.33 28.00 6.51
CA THR B 321 -12.63 27.37 6.51
C THR B 321 -12.84 26.34 5.40
N ASP B 322 -12.12 26.50 4.29
CA ASP B 322 -12.22 25.60 3.14
C ASP B 322 -11.14 24.51 3.16
N GLU B 323 -11.60 23.26 3.36
CA GLU B 323 -10.72 22.08 3.41
C GLU B 323 -10.24 21.69 2.02
N GLY B 324 -10.95 22.18 1.00
CA GLY B 324 -10.60 21.90 -0.38
C GLY B 324 -10.90 20.50 -0.85
N THR B 325 -10.53 20.25 -2.09
CA THR B 325 -10.71 18.96 -2.74
C THR B 325 -9.37 18.24 -2.75
N PRO B 326 -9.35 16.89 -2.62
CA PRO B 326 -8.07 16.17 -2.63
C PRO B 326 -7.37 16.26 -4.01
N PRO B 327 -6.05 16.53 -4.03
CA PRO B 327 -5.30 16.65 -5.29
C PRO B 327 -5.16 15.32 -6.03
N VAL B 328 -4.67 15.39 -7.26
CA VAL B 328 -4.46 14.21 -8.11
C VAL B 328 -3.40 13.29 -7.51
N ASP B 329 -3.67 11.98 -7.53
CA ASP B 329 -2.75 10.97 -7.01
C ASP B 329 -1.55 10.97 -7.98
N HIS B 330 -0.37 11.38 -7.47
CA HIS B 330 0.85 11.44 -8.27
C HIS B 330 1.53 10.08 -8.46
N GLN B 331 1.01 9.07 -7.76
CA GLN B 331 1.46 7.67 -7.81
C GLN B 331 2.94 7.39 -7.57
N CYS B 332 3.54 8.13 -6.63
CA CYS B 332 4.96 8.04 -6.27
C CYS B 332 5.90 8.32 -7.44
N LEU B 333 5.51 9.30 -8.26
CA LEU B 333 6.27 9.68 -9.45
C LEU B 333 6.36 11.18 -9.59
N ASP B 334 7.57 11.67 -9.88
CA ASP B 334 7.80 13.10 -10.10
C ASP B 334 7.46 13.47 -11.55
N THR B 335 7.23 14.75 -11.80
CA THR B 335 6.88 15.22 -13.13
C THR B 335 8.04 15.36 -14.11
N LEU B 336 7.88 14.70 -15.26
CA LEU B 336 8.88 14.75 -16.32
C LEU B 336 8.48 15.74 -17.42
N ASP B 337 7.65 16.70 -17.05
CA ASP B 337 7.18 17.72 -17.97
C ASP B 337 8.06 18.96 -17.99
N VAL B 338 8.88 19.12 -16.94
CA VAL B 338 9.78 20.28 -16.81
C VAL B 338 10.89 20.37 -17.86
N ARG B 339 11.07 21.58 -18.40
CA ARG B 339 12.08 21.83 -19.43
C ARG B 339 13.05 22.93 -18.99
N PRO B 340 14.33 22.58 -18.68
CA PRO B 340 15.32 23.59 -18.26
C PRO B 340 15.56 24.74 -19.24
N VAL B 341 15.88 25.93 -18.70
CA VAL B 341 16.15 27.15 -19.49
C VAL B 341 17.42 26.98 -20.33
N VAL B 342 18.51 26.53 -19.71
CA VAL B 342 19.77 26.25 -20.40
C VAL B 342 19.60 24.80 -20.88
N PRO B 343 19.48 24.57 -22.21
CA PRO B 343 19.30 23.23 -22.77
C PRO B 343 20.49 22.29 -22.91
N ARG B 344 20.18 21.00 -23.07
CA ARG B 344 21.16 19.92 -23.26
C ARG B 344 20.57 18.94 -24.27
N SER B 345 21.38 18.48 -25.21
CA SER B 345 20.95 17.51 -26.23
C SER B 345 21.82 16.26 -26.16
N VAL B 346 21.18 15.10 -26.21
CA VAL B 346 21.84 13.80 -26.13
C VAL B 346 21.16 12.77 -27.07
N PRO B 347 21.95 11.91 -27.76
CA PRO B 347 21.30 10.92 -28.64
C PRO B 347 20.70 9.73 -27.87
N VAL B 348 19.51 9.28 -28.27
CA VAL B 348 18.82 8.16 -27.61
C VAL B 348 18.55 6.94 -28.49
N ASN B 349 18.81 7.08 -29.79
CA ASN B 349 18.59 5.99 -30.75
C ASN B 349 19.64 4.86 -30.73
N SER B 350 20.87 5.22 -30.37
CA SER B 350 22.00 4.28 -30.33
C SER B 350 22.19 3.46 -29.03
N PHE B 351 21.37 3.74 -28.02
CA PHE B 351 21.44 3.03 -26.73
C PHE B 351 21.11 1.53 -26.79
N VAL B 352 22.02 0.71 -26.24
CA VAL B 352 21.87 -0.74 -26.17
C VAL B 352 22.15 -1.17 -24.71
N LYS B 353 21.31 -2.07 -24.18
CA LYS B 353 21.44 -2.60 -22.82
C LYS B 353 22.61 -3.62 -22.71
N ARG B 354 23.66 -3.23 -22.02
CA ARG B 354 24.86 -4.07 -21.81
C ARG B 354 25.06 -4.15 -20.28
N PRO B 355 25.74 -5.20 -19.75
CA PRO B 355 25.97 -5.32 -18.31
C PRO B 355 26.70 -4.15 -17.63
N ASP B 356 27.55 -3.49 -18.40
CA ASP B 356 28.37 -2.37 -17.92
C ASP B 356 27.63 -1.03 -17.81
N ASN B 357 26.38 -0.99 -18.25
CA ASN B 357 25.57 0.22 -18.15
C ASN B 357 24.23 -0.02 -17.48
N THR B 358 24.03 -1.24 -16.99
CA THR B 358 22.80 -1.63 -16.32
C THR B 358 23.04 -1.84 -14.83
N LEU B 359 22.20 -1.20 -14.02
CA LEU B 359 22.28 -1.29 -12.56
C LEU B 359 21.01 -1.94 -11.97
N PRO B 360 20.96 -3.30 -11.91
CA PRO B 360 19.77 -3.93 -11.35
C PRO B 360 19.66 -3.89 -9.82
N VAL B 361 18.60 -3.27 -9.33
CA VAL B 361 18.32 -3.16 -7.90
C VAL B 361 17.55 -4.42 -7.52
N ALA B 362 17.92 -5.03 -6.40
CA ALA B 362 17.26 -6.26 -5.93
C ALA B 362 17.20 -6.35 -4.43
N LEU B 363 16.11 -6.94 -3.93
CA LEU B 363 15.89 -7.16 -2.51
C LEU B 363 16.22 -8.62 -2.16
N ASP B 364 17.23 -8.81 -1.31
CA ASP B 364 17.66 -10.15 -0.88
C ASP B 364 17.16 -10.50 0.52
N LEU B 365 16.34 -11.55 0.58
CA LEU B 365 15.73 -12.04 1.82
C LEU B 365 16.34 -13.35 2.33
N THR B 366 17.46 -13.76 1.71
CA THR B 366 18.13 -15.01 2.09
C THR B 366 19.38 -14.86 2.99
N GLY B 367 19.50 -13.73 3.68
CA GLY B 367 20.65 -13.52 4.55
C GLY B 367 20.29 -12.98 5.92
N THR B 368 21.26 -12.33 6.55
CA THR B 368 21.09 -11.71 7.86
C THR B 368 21.60 -10.26 7.73
N PRO B 369 20.73 -9.24 7.95
CA PRO B 369 19.29 -9.20 8.30
C PRO B 369 18.35 -9.56 7.14
N LEU B 370 17.04 -9.49 7.37
CA LEU B 370 16.05 -9.83 6.36
C LEU B 370 16.03 -8.86 5.18
N PHE B 371 15.93 -7.56 5.47
CA PHE B 371 15.90 -6.54 4.43
C PHE B 371 17.28 -5.98 4.07
N VAL B 372 17.85 -6.59 3.03
CA VAL B 372 19.15 -6.21 2.49
C VAL B 372 18.92 -5.84 1.01
N TRP B 373 19.38 -4.65 0.64
CA TRP B 373 19.23 -4.13 -0.71
C TRP B 373 20.54 -4.23 -1.49
N LYS B 374 20.48 -4.88 -2.65
CA LYS B 374 21.65 -5.09 -3.49
C LYS B 374 21.55 -4.49 -4.89
N VAL B 375 22.64 -3.87 -5.34
CA VAL B 375 22.72 -3.29 -6.69
C VAL B 375 23.85 -4.02 -7.41
N ASN B 376 23.47 -4.74 -8.48
CA ASN B 376 24.36 -5.57 -9.31
C ASN B 376 24.96 -6.76 -8.54
N GLY B 377 24.19 -7.27 -7.58
CA GLY B 377 24.60 -8.42 -6.80
C GLY B 377 25.30 -8.18 -5.47
N SER B 378 25.39 -6.93 -5.02
CA SER B 378 26.04 -6.62 -3.74
C SER B 378 25.48 -5.39 -3.04
N ASP B 379 25.40 -5.50 -1.71
CA ASP B 379 24.94 -4.40 -0.87
C ASP B 379 26.17 -3.56 -0.52
N ILE B 380 26.04 -2.24 -0.61
CA ILE B 380 27.17 -1.37 -0.32
C ILE B 380 27.51 -1.33 1.18
N ASN B 381 28.79 -1.26 1.48
CA ASN B 381 29.29 -1.21 2.84
C ASN B 381 30.66 -0.58 2.78
N VAL B 382 30.71 0.71 3.08
CA VAL B 382 31.96 1.48 3.04
C VAL B 382 32.78 1.35 4.32
N ASP B 383 34.08 1.61 4.21
CA ASP B 383 34.97 1.56 5.37
C ASP B 383 35.22 3.01 5.79
N TRP B 384 34.68 3.37 6.95
CA TRP B 384 34.82 4.71 7.52
C TRP B 384 36.29 5.06 7.82
N GLY B 385 37.10 4.02 8.05
CA GLY B 385 38.52 4.16 8.34
C GLY B 385 39.45 4.10 7.14
N LYS B 386 38.93 3.70 5.97
CA LYS B 386 39.72 3.65 4.74
C LYS B 386 38.82 3.99 3.55
N PRO B 387 38.62 5.30 3.28
CA PRO B 387 37.78 5.82 2.19
C PRO B 387 38.37 5.57 0.81
N ILE B 388 37.52 5.65 -0.23
CA ILE B 388 37.93 5.43 -1.63
C ILE B 388 39.09 6.35 -2.03
N ILE B 389 39.09 7.56 -1.45
CA ILE B 389 40.12 8.55 -1.69
C ILE B 389 41.48 8.13 -1.12
N ASP B 390 41.47 7.29 -0.08
CA ASP B 390 42.71 6.79 0.52
C ASP B 390 43.39 5.83 -0.45
N TYR B 391 42.58 5.09 -1.21
CA TYR B 391 43.07 4.16 -2.22
C TYR B 391 43.67 4.95 -3.38
N ILE B 392 43.03 6.06 -3.73
CA ILE B 392 43.45 6.97 -4.80
C ILE B 392 44.82 7.60 -4.48
N LEU B 393 44.95 8.11 -3.25
CA LEU B 393 46.18 8.78 -2.79
C LEU B 393 47.38 7.85 -2.56
N THR B 394 47.11 6.54 -2.51
CA THR B 394 48.14 5.52 -2.31
C THR B 394 48.35 4.65 -3.56
N GLY B 395 47.67 4.99 -4.66
CA GLY B 395 47.77 4.26 -5.92
C GLY B 395 47.35 2.80 -5.83
N ASN B 396 46.27 2.57 -5.10
CA ASN B 396 45.73 1.24 -4.85
C ASN B 396 44.41 1.07 -5.59
N THR B 397 44.39 0.16 -6.56
CA THR B 397 43.21 -0.12 -7.38
C THR B 397 42.39 -1.32 -6.90
N SER B 398 42.89 -2.02 -5.89
CA SER B 398 42.24 -3.20 -5.33
C SER B 398 41.06 -2.85 -4.38
N TYR B 399 40.06 -2.16 -4.94
CA TYR B 399 38.87 -1.74 -4.19
C TYR B 399 38.00 -2.97 -3.88
N PRO B 400 37.63 -3.17 -2.59
CA PRO B 400 36.78 -4.32 -2.22
C PRO B 400 35.40 -4.29 -2.86
N VAL B 401 34.88 -5.49 -3.11
CA VAL B 401 33.56 -5.74 -3.72
C VAL B 401 32.45 -4.90 -3.06
N SER B 402 32.51 -4.89 -1.74
CA SER B 402 31.60 -4.20 -0.84
C SER B 402 31.42 -2.70 -1.12
N ASP B 403 32.43 -2.10 -1.76
CA ASP B 403 32.40 -0.67 -2.08
C ASP B 403 31.61 -0.28 -3.32
N ASN B 404 31.19 -1.28 -4.09
CA ASN B 404 30.40 -1.11 -5.32
C ASN B 404 30.95 -0.05 -6.29
N ILE B 405 32.23 -0.17 -6.61
CA ILE B 405 32.89 0.77 -7.53
C ILE B 405 32.53 0.51 -8.99
N VAL B 406 31.95 1.52 -9.65
CA VAL B 406 31.61 1.46 -11.07
C VAL B 406 32.56 2.50 -11.70
N GLN B 407 33.70 2.03 -12.19
CA GLN B 407 34.73 2.87 -12.78
C GLN B 407 34.40 3.36 -14.20
N VAL B 408 34.18 4.67 -14.30
CA VAL B 408 33.87 5.33 -15.56
C VAL B 408 35.13 6.09 -16.01
N ASP B 409 35.76 5.60 -17.08
CA ASP B 409 36.99 6.20 -17.61
C ASP B 409 36.75 7.19 -18.74
N ALA B 410 35.51 7.26 -19.25
CA ALA B 410 35.10 8.17 -20.33
C ALA B 410 35.44 9.61 -19.95
N VAL B 411 36.18 10.29 -20.83
CA VAL B 411 36.61 11.67 -20.57
C VAL B 411 35.70 12.71 -21.24
N ASP B 412 34.98 13.45 -20.40
CA ASP B 412 34.04 14.51 -20.80
C ASP B 412 33.05 14.04 -21.89
N GLN B 413 32.50 12.86 -21.67
CA GLN B 413 31.54 12.24 -22.59
C GLN B 413 30.25 11.90 -21.84
N TRP B 414 29.17 11.71 -22.61
CA TRP B 414 27.87 11.35 -22.08
C TRP B 414 27.82 9.87 -21.79
N THR B 415 27.40 9.51 -20.58
CA THR B 415 27.28 8.11 -20.16
C THR B 415 25.84 7.78 -19.79
N TYR B 416 25.37 6.62 -20.27
CA TYR B 416 23.99 6.14 -20.08
C TYR B 416 23.88 5.00 -19.07
N TRP B 417 22.92 5.12 -18.15
CA TRP B 417 22.69 4.13 -17.10
C TRP B 417 21.23 3.68 -16.96
N LEU B 418 21.01 2.39 -17.12
CA LEU B 418 19.69 1.79 -16.99
C LEU B 418 19.56 1.18 -15.60
N ILE B 419 18.62 1.69 -14.81
CA ILE B 419 18.39 1.17 -13.47
C ILE B 419 17.12 0.31 -13.51
N GLU B 420 17.23 -0.95 -13.09
CA GLU B 420 16.08 -1.86 -13.07
C GLU B 420 15.59 -2.11 -11.65
N ASN B 421 14.28 -2.00 -11.43
CA ASN B 421 13.67 -2.17 -10.11
C ASN B 421 13.09 -3.54 -9.78
N ASP B 422 13.97 -4.51 -9.45
CA ASP B 422 13.60 -5.89 -9.05
C ASP B 422 12.39 -6.46 -9.87
N PRO B 423 12.53 -6.58 -11.22
CA PRO B 423 11.47 -7.09 -12.10
C PRO B 423 11.00 -8.51 -11.84
N GLU B 424 11.96 -9.40 -11.53
CA GLU B 424 11.66 -10.80 -11.25
C GLU B 424 11.56 -11.04 -9.73
N GLY B 425 11.43 -9.94 -8.99
CA GLY B 425 11.32 -9.98 -7.54
C GLY B 425 9.93 -10.28 -7.01
N PRO B 426 9.80 -10.63 -5.72
CA PRO B 426 8.51 -10.94 -5.10
C PRO B 426 7.66 -9.69 -4.82
N PHE B 427 8.35 -8.61 -4.46
CA PHE B 427 7.74 -7.35 -4.07
C PHE B 427 8.63 -6.21 -4.63
N SER B 428 8.00 -5.13 -5.11
CA SER B 428 8.79 -4.00 -5.66
C SER B 428 8.25 -2.64 -5.23
N LEU B 429 9.17 -1.79 -4.76
CA LEU B 429 8.86 -0.45 -4.27
C LEU B 429 9.52 0.70 -5.04
N PRO B 430 8.91 1.91 -5.02
CA PRO B 430 9.52 3.03 -5.75
C PRO B 430 10.72 3.56 -4.93
N HIS B 431 11.78 3.99 -5.63
CA HIS B 431 12.99 4.52 -4.98
C HIS B 431 13.43 5.89 -5.51
N PRO B 432 13.72 6.86 -4.61
CA PRO B 432 14.16 8.19 -5.06
C PRO B 432 15.67 8.13 -5.32
N MET B 433 16.04 8.01 -6.60
CA MET B 433 17.46 7.93 -6.98
C MET B 433 18.14 9.29 -7.05
N HIS B 434 19.23 9.41 -6.29
CA HIS B 434 20.02 10.62 -6.18
C HIS B 434 21.49 10.42 -6.57
N LEU B 435 22.04 11.39 -7.31
CA LEU B 435 23.44 11.33 -7.74
C LEU B 435 24.25 12.49 -7.21
N HIS B 436 25.42 12.15 -6.66
CA HIS B 436 26.35 13.14 -6.12
C HIS B 436 27.19 13.70 -7.27
N GLY B 437 27.60 14.96 -7.11
CA GLY B 437 28.46 15.65 -8.07
C GLY B 437 28.02 16.02 -9.46
N HIS B 438 26.80 15.60 -9.85
CA HIS B 438 26.24 15.89 -11.17
C HIS B 438 24.73 16.02 -11.14
N ASP B 439 24.20 16.68 -12.18
CA ASP B 439 22.76 16.80 -12.41
C ASP B 439 22.65 15.82 -13.59
N PHE B 440 21.72 14.88 -13.53
CA PHE B 440 21.57 13.94 -14.63
C PHE B 440 20.36 14.30 -15.50
N LEU B 441 20.30 13.69 -16.68
CA LEU B 441 19.19 13.88 -17.59
C LEU B 441 18.25 12.70 -17.40
N VAL B 442 16.94 12.97 -17.28
CA VAL B 442 15.96 11.89 -17.15
C VAL B 442 15.47 11.58 -18.55
N LEU B 443 16.06 10.55 -19.14
CA LEU B 443 15.74 10.14 -20.51
C LEU B 443 14.39 9.49 -20.64
N GLY B 444 14.06 8.65 -19.66
CA GLY B 444 12.80 7.94 -19.64
C GLY B 444 12.64 7.02 -18.44
N ARG B 445 11.48 6.37 -18.39
CA ARG B 445 11.13 5.42 -17.33
C ARG B 445 10.04 4.50 -17.88
N SER B 446 9.73 3.44 -17.13
CA SER B 446 8.68 2.49 -17.48
C SER B 446 7.31 3.21 -17.44
N PRO B 447 6.30 2.76 -18.23
CA PRO B 447 4.99 3.45 -18.23
C PRO B 447 4.40 3.74 -16.85
N ASP B 448 3.85 4.94 -16.70
CA ASP B 448 3.22 5.41 -15.47
C ASP B 448 1.96 4.59 -15.17
N VAL B 449 2.04 3.79 -14.12
CA VAL B 449 0.94 2.91 -13.67
C VAL B 449 0.84 3.10 -12.14
N PRO B 450 -0.28 2.66 -11.49
CA PRO B 450 -0.38 2.82 -10.03
C PRO B 450 0.75 2.14 -9.24
N ALA B 451 1.39 2.89 -8.34
CA ALA B 451 2.54 2.43 -7.54
C ALA B 451 2.45 1.11 -6.77
N ALA B 452 1.24 0.73 -6.35
CA ALA B 452 1.02 -0.52 -5.62
C ALA B 452 0.40 -1.65 -6.48
N SER B 453 0.40 -1.47 -7.80
CA SER B 453 -0.16 -2.45 -8.74
C SER B 453 0.64 -3.74 -8.90
N GLN B 454 1.95 -3.64 -8.68
CA GLN B 454 2.93 -4.73 -8.82
C GLN B 454 3.10 -5.13 -10.30
N GLN B 455 2.86 -4.17 -11.19
CA GLN B 455 3.00 -4.36 -12.64
C GLN B 455 4.49 -4.29 -12.98
N ARG B 456 4.97 -5.32 -13.67
CA ARG B 456 6.37 -5.44 -14.04
C ARG B 456 6.71 -5.07 -15.48
N PHE B 457 7.77 -4.28 -15.64
CA PHE B 457 8.28 -3.84 -16.95
C PHE B 457 9.80 -4.04 -17.02
N VAL B 458 10.27 -4.60 -18.14
CA VAL B 458 11.69 -4.79 -18.42
C VAL B 458 11.94 -4.06 -19.73
N PHE B 459 13.03 -3.28 -19.79
CA PHE B 459 13.40 -2.49 -20.98
C PHE B 459 13.43 -3.32 -22.27
N ASP B 460 12.61 -2.89 -23.23
CA ASP B 460 12.50 -3.53 -24.54
C ASP B 460 12.71 -2.45 -25.61
N PRO B 461 13.80 -2.52 -26.40
CA PRO B 461 14.11 -1.54 -27.45
C PRO B 461 12.99 -1.33 -28.49
N ALA B 462 12.33 -2.43 -28.88
CA ALA B 462 11.25 -2.41 -29.88
C ALA B 462 10.00 -1.58 -29.50
N VAL B 463 9.87 -1.21 -28.22
CA VAL B 463 8.74 -0.39 -27.74
C VAL B 463 9.17 0.81 -26.89
N ASP B 464 10.24 0.64 -26.10
CA ASP B 464 10.73 1.69 -25.22
C ASP B 464 11.69 2.73 -25.78
N LEU B 465 12.41 2.37 -26.84
CA LEU B 465 13.36 3.29 -27.49
C LEU B 465 12.69 4.58 -27.95
N ALA B 466 11.45 4.44 -28.44
CA ALA B 466 10.63 5.55 -28.93
C ALA B 466 10.04 6.40 -27.79
N ARG B 467 9.97 5.84 -26.59
CA ARG B 467 9.45 6.54 -25.41
C ARG B 467 10.49 7.48 -24.77
N LEU B 468 11.75 7.29 -25.16
CA LEU B 468 12.87 8.09 -24.64
C LEU B 468 12.91 9.51 -25.23
N ASN B 469 13.35 10.46 -24.41
CA ASN B 469 13.45 11.88 -24.79
C ASN B 469 14.87 12.42 -24.59
N GLY B 470 15.49 12.81 -25.70
CA GLY B 470 16.83 13.35 -25.68
C GLY B 470 16.91 14.82 -26.05
N ASP B 471 15.75 15.44 -26.30
CA ASP B 471 15.64 16.86 -26.67
C ASP B 471 15.25 17.65 -25.42
N ASN B 472 16.27 18.13 -24.71
CA ASN B 472 16.17 18.89 -23.47
C ASN B 472 15.27 18.21 -22.40
N PRO B 473 15.66 17.00 -21.94
CA PRO B 473 14.87 16.29 -20.93
C PRO B 473 15.06 16.92 -19.53
N PRO B 474 14.27 16.50 -18.51
CA PRO B 474 14.45 17.10 -17.18
C PRO B 474 15.85 16.86 -16.64
N ARG B 475 16.46 17.92 -16.15
CA ARG B 475 17.82 17.88 -15.60
C ARG B 475 17.73 18.25 -14.11
N ARG B 476 18.18 17.33 -13.26
CA ARG B 476 18.13 17.47 -11.79
C ARG B 476 19.01 16.43 -11.09
N ASP B 477 19.08 16.48 -9.75
CA ASP B 477 19.91 15.54 -8.99
C ASP B 477 19.14 14.38 -8.36
N THR B 478 17.81 14.49 -8.32
CA THR B 478 16.98 13.44 -7.77
C THR B 478 15.71 13.15 -8.60
N THR B 479 15.54 11.88 -8.97
CA THR B 479 14.36 11.43 -9.73
C THR B 479 13.82 10.09 -9.18
N MET B 480 12.65 9.67 -9.66
CA MET B 480 12.02 8.43 -9.22
C MET B 480 12.19 7.20 -10.10
N LEU B 481 12.56 6.08 -9.46
CA LEU B 481 12.68 4.78 -10.11
C LEU B 481 11.30 4.16 -9.83
N PRO B 482 10.48 3.91 -10.88
CA PRO B 482 9.15 3.33 -10.71
C PRO B 482 9.15 1.91 -10.17
N ALA B 483 8.13 1.59 -9.38
CA ALA B 483 7.96 0.28 -8.78
C ALA B 483 7.80 -0.76 -9.89
N GLY B 484 8.66 -1.79 -9.82
CA GLY B 484 8.65 -2.88 -10.78
C GLY B 484 9.08 -2.63 -12.20
N GLY B 485 9.61 -1.44 -12.47
CA GLY B 485 10.03 -1.11 -13.81
C GLY B 485 11.49 -0.76 -13.97
N TRP B 486 11.73 0.30 -14.75
CA TRP B 486 13.08 0.76 -15.06
C TRP B 486 13.21 2.27 -15.18
N LEU B 487 14.45 2.74 -15.29
CA LEU B 487 14.77 4.15 -15.40
C LEU B 487 16.05 4.33 -16.21
N LEU B 488 16.01 5.21 -17.21
CA LEU B 488 17.21 5.48 -18.01
C LEU B 488 17.70 6.90 -17.80
N LEU B 489 18.94 7.00 -17.33
CA LEU B 489 19.58 8.27 -17.02
C LEU B 489 20.88 8.47 -17.76
N ALA B 490 21.30 9.74 -17.86
CA ALA B 490 22.56 10.11 -18.52
C ALA B 490 23.22 11.33 -17.90
N PHE B 491 24.53 11.24 -17.66
CA PHE B 491 25.31 12.35 -17.10
C PHE B 491 26.65 12.51 -17.80
N ARG B 492 27.12 13.75 -17.91
CA ARG B 492 28.39 14.06 -18.56
C ARG B 492 29.54 13.95 -17.57
N THR B 493 30.56 13.17 -17.93
CA THR B 493 31.73 12.96 -17.08
C THR B 493 32.75 14.11 -17.08
N ASP B 494 32.32 15.24 -16.51
CA ASP B 494 33.12 16.47 -16.42
C ASP B 494 33.70 16.78 -15.04
N ASN B 495 33.54 15.85 -14.09
CA ASN B 495 33.97 16.09 -12.71
C ASN B 495 34.64 14.85 -12.09
N PRO B 496 35.98 14.72 -12.21
CA PRO B 496 36.72 13.58 -11.65
C PRO B 496 36.50 13.42 -10.14
N GLY B 497 36.07 12.24 -9.72
CA GLY B 497 35.83 11.99 -8.31
C GLY B 497 35.06 10.73 -8.03
N ALA B 498 34.94 10.39 -6.73
CA ALA B 498 34.19 9.20 -6.30
C ALA B 498 32.81 9.71 -5.89
N TRP B 499 31.82 9.46 -6.75
CA TRP B 499 30.44 9.94 -6.52
C TRP B 499 29.41 8.86 -6.25
N LEU B 500 28.75 8.97 -5.11
CA LEU B 500 27.70 8.00 -4.73
C LEU B 500 26.44 8.24 -5.52
N PHE B 501 25.78 7.14 -5.89
CA PHE B 501 24.52 7.14 -6.61
C PHE B 501 23.67 6.17 -5.80
N HIS B 502 22.79 6.74 -4.99
CA HIS B 502 21.97 5.95 -4.09
C HIS B 502 20.50 6.31 -3.99
N CYS B 503 19.76 5.47 -3.28
CA CYS B 503 18.35 5.71 -3.01
C CYS B 503 18.43 6.56 -1.74
N HIS B 504 17.70 7.67 -1.70
CA HIS B 504 17.72 8.57 -0.55
C HIS B 504 16.85 8.18 0.64
N ILE B 505 16.11 7.07 0.54
CA ILE B 505 15.32 6.60 1.68
C ILE B 505 16.41 6.03 2.60
N ALA B 506 16.55 6.65 3.78
CA ALA B 506 17.57 6.29 4.77
C ALA B 506 17.69 4.82 5.07
N TRP B 507 16.54 4.15 5.16
CA TRP B 507 16.49 2.71 5.46
C TRP B 507 17.05 1.84 4.34
N HIS B 508 16.92 2.33 3.10
CA HIS B 508 17.38 1.62 1.91
C HIS B 508 18.87 1.75 1.65
N VAL B 509 19.42 2.97 1.78
CA VAL B 509 20.87 3.18 1.58
C VAL B 509 21.63 2.50 2.73
N SER B 510 21.00 2.49 3.90
CA SER B 510 21.54 1.85 5.11
C SER B 510 21.57 0.34 4.88
N GLY B 511 20.57 -0.14 4.14
CA GLY B 511 20.45 -1.55 3.80
C GLY B 511 21.35 -1.95 2.63
N GLY B 512 22.03 -0.97 2.04
CA GLY B 512 22.95 -1.22 0.94
C GLY B 512 22.63 -0.75 -0.47
N LEU B 513 21.52 -0.01 -0.65
CA LEU B 513 21.13 0.46 -1.99
C LEU B 513 21.94 1.65 -2.49
N SER B 514 23.13 1.34 -3.02
CA SER B 514 24.05 2.33 -3.57
C SER B 514 25.16 1.70 -4.39
N VAL B 515 25.76 2.55 -5.22
CA VAL B 515 26.94 2.25 -6.04
C VAL B 515 27.84 3.47 -5.88
N ASP B 516 29.04 3.39 -6.44
CA ASP B 516 30.00 4.50 -6.35
C ASP B 516 30.61 4.68 -7.73
N PHE B 517 30.25 5.77 -8.38
CA PHE B 517 30.80 6.09 -9.69
C PHE B 517 32.20 6.69 -9.53
N LEU B 518 33.23 5.86 -9.69
CA LEU B 518 34.61 6.35 -9.62
C LEU B 518 34.92 6.90 -11.02
N GLU B 519 34.58 8.18 -11.16
CA GLU B 519 34.74 8.94 -12.37
C GLU B 519 36.17 9.40 -12.59
N ARG B 520 36.72 9.01 -13.75
CA ARG B 520 38.07 9.38 -14.23
C ARG B 520 39.12 9.40 -13.10
N PRO B 521 39.49 8.22 -12.55
CA PRO B 521 40.46 8.10 -11.46
C PRO B 521 41.86 8.66 -11.69
N ALA B 522 42.35 8.55 -12.94
CA ALA B 522 43.67 9.03 -13.34
C ALA B 522 43.81 10.54 -13.15
N ASP B 523 42.81 11.29 -13.59
CA ASP B 523 42.85 12.74 -13.42
C ASP B 523 42.28 13.27 -12.09
N LEU B 524 41.88 12.36 -11.21
CA LEU B 524 41.37 12.74 -9.88
C LEU B 524 42.54 13.03 -8.94
N ARG B 525 43.53 12.13 -8.92
CA ARG B 525 44.73 12.24 -8.08
C ARG B 525 45.56 13.52 -8.32
N GLN B 526 45.76 13.86 -9.60
CA GLN B 526 46.53 15.06 -9.98
C GLN B 526 45.88 16.38 -9.57
N ARG B 527 44.55 16.37 -9.40
CA ARG B 527 43.78 17.56 -9.01
C ARG B 527 43.57 17.74 -7.51
N ILE B 528 44.12 16.84 -6.70
CA ILE B 528 43.98 16.94 -5.24
C ILE B 528 45.17 17.75 -4.68
N SER B 529 44.86 18.94 -4.18
CA SER B 529 45.83 19.87 -3.58
C SER B 529 46.50 19.29 -2.32
N GLN B 530 47.67 19.83 -1.95
CA GLN B 530 48.37 19.36 -0.75
C GLN B 530 47.59 19.64 0.53
N GLU B 531 46.84 20.76 0.52
CA GLU B 531 46.01 21.19 1.64
C GLU B 531 44.85 20.21 1.88
N ASP B 532 44.23 19.78 0.79
CA ASP B 532 43.11 18.83 0.83
C ASP B 532 43.56 17.43 1.22
N GLU B 533 44.74 17.03 0.74
CA GLU B 533 45.32 15.71 1.04
C GLU B 533 45.77 15.60 2.50
N ASP B 534 46.50 16.61 3.00
CA ASP B 534 47.00 16.63 4.37
C ASP B 534 45.88 16.69 5.41
N ASP B 535 44.81 17.42 5.06
CA ASP B 535 43.66 17.56 5.95
C ASP B 535 42.84 16.26 5.96
N PHE B 536 42.82 15.57 4.83
CA PHE B 536 42.13 14.29 4.67
C PHE B 536 42.85 13.25 5.53
N ASN B 537 44.19 13.28 5.49
CA ASN B 537 45.04 12.37 6.25
C ASN B 537 45.05 12.72 7.75
N ARG B 538 44.67 13.95 8.06
CA ARG B 538 44.62 14.44 9.44
C ARG B 538 43.36 13.86 10.13
N VAL B 539 42.20 14.09 9.51
CA VAL B 539 40.89 13.61 9.99
C VAL B 539 40.86 12.07 10.02
N CYS B 540 41.50 11.43 9.04
CA CYS B 540 41.59 9.97 8.99
C CYS B 540 42.44 9.37 10.11
N ASP B 541 43.51 10.06 10.50
CA ASP B 541 44.38 9.61 11.60
C ASP B 541 43.71 9.80 12.96
N GLU B 542 42.90 10.85 13.09
CA GLU B 542 42.16 11.16 14.32
C GLU B 542 40.96 10.20 14.48
N TRP B 543 40.35 9.83 13.34
CA TRP B 543 39.22 8.91 13.34
C TRP B 543 39.71 7.48 13.65
N ARG B 544 40.79 7.07 12.98
CA ARG B 544 41.37 5.73 13.20
C ARG B 544 41.94 5.57 14.60
N ALA B 545 42.08 6.68 15.31
CA ALA B 545 42.56 6.72 16.70
C ALA B 545 41.35 6.62 17.63
N TYR B 546 40.22 7.22 17.22
CA TYR B 546 39.00 7.19 18.03
C TYR B 546 38.23 5.85 17.99
N TRP B 547 37.99 5.31 16.79
CA TRP B 547 37.20 4.08 16.61
C TRP B 547 37.37 2.88 17.55
N PRO B 548 38.63 2.43 17.84
CA PRO B 548 38.77 1.29 18.76
C PRO B 548 38.15 1.50 20.15
N THR B 549 38.00 2.77 20.54
CA THR B 549 37.41 3.16 21.83
C THR B 549 35.88 3.28 21.80
N ASN B 550 35.30 3.34 20.60
CA ASN B 550 33.84 3.46 20.41
C ASN B 550 33.10 2.23 20.97
N PRO B 551 32.13 2.44 21.89
CA PRO B 551 31.36 1.36 22.51
C PRO B 551 30.30 0.69 21.64
N TYR B 552 30.05 1.28 20.46
CA TYR B 552 29.05 0.78 19.52
C TYR B 552 29.64 0.36 18.18
N PRO B 553 29.12 -0.76 17.60
CA PRO B 553 29.63 -1.23 16.30
C PRO B 553 28.87 -0.57 15.13
N LYS B 554 29.32 -0.84 13.91
CA LYS B 554 28.70 -0.34 12.69
C LYS B 554 27.63 -1.38 12.31
N ILE B 555 26.36 -0.96 12.41
CA ILE B 555 25.19 -1.82 12.15
C ILE B 555 24.73 -1.90 10.67
N ASP B 556 25.09 -0.89 9.88
CA ASP B 556 24.67 -0.83 8.47
C ASP B 556 25.78 -0.50 7.46
N SER B 557 25.36 -0.04 6.27
CA SER B 557 26.27 0.34 5.19
C SER B 557 27.19 1.50 5.54
N GLY B 558 26.75 2.31 6.51
CA GLY B 558 27.52 3.46 6.94
C GLY B 558 27.19 4.73 6.18
N LEU B 559 26.25 4.61 5.24
CA LEU B 559 25.82 5.73 4.40
C LEU B 559 24.36 6.12 4.66
#